data_1WX1
#
_entry.id   1WX1
#
_cell.length_a   107.357
_cell.length_b   107.357
_cell.length_c   244.665
_cell.angle_alpha   90.00
_cell.angle_beta   90.00
_cell.angle_gamma   90.00
#
_symmetry.space_group_name_H-M   'I 4 2 2'
#
loop_
_entity.id
_entity.type
_entity.pdbx_description
1 polymer 'nicotinate-nucleotide--dimethylbenzimidazole phosphoribosyltransferase'
2 non-polymer 'SODIUM ION'
3 water water
#
_entity_poly.entity_id   1
_entity_poly.type   'polypeptide(L)'
_entity_poly.pdbx_seq_one_letter_code
;MDPEVFAQARLRMDQLTKPPRALGYLEEVALRLAALQGRVKPELGRGAVVVAAADHGVVAEGVSAYPQEVTRQMVLNFLR
GGAAINQFALAADCAVYVLDVGVVGELPDHPGLLKRKVRPGTANLAQGPAMTPEEAERALLAGREAARRAIAEGATLLAA
GDMGIGNTTAAAALTAALLGLPPEAVVGRGTGVGEEGLRRKRQAVARALARLHPGMGPLEVAAEVGGLELVAIAGIYLEG
YEAGLPLVLDGFPVTAGALLAWKMAPGLRDHLFAGHLSREPGHRHQLEALGLRPLLDLDLALGEGTGAVLAMPLLRAAAR
ILHMATFQEAGVSRG
;
_entity_poly.pdbx_strand_id   A,B
#
loop_
_chem_comp.id
_chem_comp.type
_chem_comp.name
_chem_comp.formula
NA non-polymer 'SODIUM ION' 'Na 1'
#
# COMPACT_ATOMS: atom_id res chain seq x y z
N MET A 1 0.09 -19.64 -15.77
CA MET A 1 0.16 -18.53 -16.75
C MET A 1 -0.52 -18.88 -18.07
N ASP A 2 -1.61 -18.19 -18.36
CA ASP A 2 -2.36 -18.42 -19.59
C ASP A 2 -2.28 -17.17 -20.47
N PRO A 3 -1.46 -17.22 -21.53
CA PRO A 3 -1.29 -16.09 -22.45
C PRO A 3 -2.60 -15.60 -23.08
N GLU A 4 -3.49 -16.54 -23.38
CA GLU A 4 -4.77 -16.19 -23.97
C GLU A 4 -5.58 -15.32 -23.01
N VAL A 5 -5.60 -15.72 -21.74
CA VAL A 5 -6.32 -14.97 -20.72
C VAL A 5 -5.65 -13.61 -20.50
N PHE A 6 -4.32 -13.60 -20.47
CA PHE A 6 -3.58 -12.37 -20.27
C PHE A 6 -3.99 -11.37 -21.36
N ALA A 7 -4.11 -11.86 -22.59
CA ALA A 7 -4.50 -11.02 -23.72
C ALA A 7 -5.95 -10.52 -23.57
N GLN A 8 -6.85 -11.43 -23.21
CA GLN A 8 -8.25 -11.10 -23.04
C GLN A 8 -8.44 -10.10 -21.90
N ALA A 9 -7.68 -10.29 -20.82
CA ALA A 9 -7.77 -9.40 -19.67
C ALA A 9 -7.26 -8.02 -20.06
N ARG A 10 -6.23 -7.99 -20.89
CA ARG A 10 -5.65 -6.73 -21.33
C ARG A 10 -6.70 -5.94 -22.12
N LEU A 11 -7.53 -6.66 -22.88
CA LEU A 11 -8.59 -6.02 -23.67
C LEU A 11 -9.68 -5.46 -22.78
N ARG A 12 -10.13 -6.26 -21.80
CA ARG A 12 -11.17 -5.81 -20.90
C ARG A 12 -10.73 -4.58 -20.12
N MET A 13 -9.48 -4.60 -19.66
CA MET A 13 -8.89 -3.49 -18.90
C MET A 13 -9.03 -2.20 -19.68
N ASP A 14 -8.68 -2.24 -20.96
CA ASP A 14 -8.76 -1.07 -21.83
C ASP A 14 -10.19 -0.57 -22.01
N GLN A 15 -11.17 -1.41 -21.71
CA GLN A 15 -12.57 -1.02 -21.86
C GLN A 15 -13.31 -0.75 -20.55
N LEU A 16 -12.62 -0.80 -19.42
CA LEU A 16 -13.25 -0.56 -18.13
C LEU A 16 -13.60 0.92 -18.00
N THR A 17 -14.60 1.22 -17.17
CA THR A 17 -15.04 2.59 -16.97
C THR A 17 -14.08 3.47 -16.19
N LYS A 18 -13.04 3.92 -16.89
CA LYS A 18 -12.02 4.80 -16.33
C LYS A 18 -11.02 5.16 -17.42
N PRO A 19 -10.34 6.31 -17.28
CA PRO A 19 -9.36 6.72 -18.29
C PRO A 19 -8.29 5.65 -18.47
N PRO A 20 -7.73 5.53 -19.68
CA PRO A 20 -6.69 4.53 -19.93
C PRO A 20 -5.50 4.73 -18.99
N ARG A 21 -5.04 3.64 -18.39
CA ARG A 21 -3.90 3.70 -17.47
C ARG A 21 -4.21 4.48 -16.20
N ALA A 22 -5.48 4.78 -15.95
CA ALA A 22 -5.86 5.54 -14.76
C ALA A 22 -5.54 4.85 -13.44
N LEU A 23 -5.45 3.52 -13.44
CA LEU A 23 -5.15 2.80 -12.20
C LEU A 23 -3.68 2.36 -12.10
N GLY A 24 -2.83 3.07 -12.85
CA GLY A 24 -1.40 2.82 -12.84
C GLY A 24 -0.84 1.42 -12.77
N TYR A 25 0.13 1.22 -11.89
CA TYR A 25 0.78 -0.07 -11.73
C TYR A 25 -0.14 -1.21 -11.32
N LEU A 26 -1.28 -0.89 -10.71
CA LEU A 26 -2.19 -1.94 -10.29
C LEU A 26 -2.82 -2.65 -11.47
N GLU A 27 -2.88 -1.98 -12.63
CA GLU A 27 -3.47 -2.61 -13.80
C GLU A 27 -2.62 -3.79 -14.26
N GLU A 28 -1.29 -3.61 -14.24
CA GLU A 28 -0.39 -4.69 -14.65
C GLU A 28 -0.54 -5.87 -13.68
N VAL A 29 -0.67 -5.54 -12.40
CA VAL A 29 -0.83 -6.56 -11.37
C VAL A 29 -2.10 -7.38 -11.66
N ALA A 30 -3.20 -6.68 -11.94
CA ALA A 30 -4.46 -7.33 -12.25
C ALA A 30 -4.32 -8.30 -13.42
N LEU A 31 -3.65 -7.84 -14.48
CA LEU A 31 -3.47 -8.68 -15.66
C LEU A 31 -2.66 -9.93 -15.35
N ARG A 32 -1.63 -9.79 -14.52
CA ARG A 32 -0.82 -10.94 -14.16
C ARG A 32 -1.65 -11.92 -13.35
N LEU A 33 -2.43 -11.40 -12.41
CA LEU A 33 -3.27 -12.25 -11.58
C LEU A 33 -4.27 -13.03 -12.44
N ALA A 34 -4.87 -12.35 -13.42
CA ALA A 34 -5.82 -13.00 -14.32
C ALA A 34 -5.15 -14.14 -15.07
N ALA A 35 -3.96 -13.87 -15.60
CA ALA A 35 -3.22 -14.88 -16.36
C ALA A 35 -2.83 -16.06 -15.48
N LEU A 36 -2.45 -15.80 -14.24
CA LEU A 36 -2.07 -16.85 -13.31
C LEU A 36 -3.24 -17.76 -12.95
N GLN A 37 -4.39 -17.16 -12.71
CA GLN A 37 -5.58 -17.94 -12.36
C GLN A 37 -6.30 -18.49 -13.59
N GLY A 38 -6.01 -17.92 -14.75
CA GLY A 38 -6.66 -18.38 -15.97
C GLY A 38 -8.11 -17.91 -16.03
N ARG A 39 -8.37 -16.74 -15.46
CA ARG A 39 -9.72 -16.16 -15.44
C ARG A 39 -9.59 -14.68 -15.74
N VAL A 40 -10.44 -14.17 -16.63
CA VAL A 40 -10.41 -12.75 -16.97
C VAL A 40 -10.82 -11.91 -15.77
N LYS A 41 -11.62 -12.50 -14.89
CA LYS A 41 -12.04 -11.81 -13.67
C LYS A 41 -11.47 -12.57 -12.47
N PRO A 42 -10.21 -12.31 -12.13
CA PRO A 42 -9.53 -12.97 -11.01
C PRO A 42 -10.21 -12.66 -9.69
N GLU A 43 -10.08 -13.58 -8.74
CA GLU A 43 -10.64 -13.42 -7.42
C GLU A 43 -9.64 -13.92 -6.39
N LEU A 44 -9.44 -13.15 -5.33
CA LEU A 44 -8.52 -13.51 -4.27
C LEU A 44 -9.24 -13.44 -2.94
N GLY A 45 -8.73 -14.17 -1.96
CA GLY A 45 -9.36 -14.15 -0.66
C GLY A 45 -8.31 -14.27 0.43
N ARG A 46 -8.48 -15.28 1.27
CA ARG A 46 -7.57 -15.55 2.37
C ARG A 46 -6.13 -15.69 1.89
N GLY A 47 -5.21 -15.08 2.60
CA GLY A 47 -3.81 -15.20 2.23
C GLY A 47 -3.09 -15.94 3.33
N ALA A 48 -1.83 -16.28 3.11
CA ALA A 48 -1.04 -16.94 4.13
C ALA A 48 0.43 -16.56 4.00
N VAL A 49 1.12 -16.51 5.14
CA VAL A 49 2.55 -16.23 5.15
C VAL A 49 3.19 -17.31 6.00
N VAL A 50 4.26 -17.90 5.49
CA VAL A 50 4.99 -18.92 6.23
C VAL A 50 6.31 -18.27 6.61
N VAL A 51 6.52 -18.10 7.90
CA VAL A 51 7.74 -17.49 8.40
C VAL A 51 8.72 -18.58 8.78
N ALA A 52 9.81 -18.68 8.01
CA ALA A 52 10.85 -19.68 8.26
C ALA A 52 11.90 -19.11 9.21
N ALA A 53 12.28 -19.89 10.21
CA ALA A 53 13.27 -19.41 11.18
C ALA A 53 14.42 -20.39 11.39
N ALA A 54 15.60 -19.83 11.58
CA ALA A 54 16.80 -20.62 11.81
C ALA A 54 17.91 -19.68 12.26
N ASP A 55 18.89 -20.22 12.97
CA ASP A 55 20.00 -19.42 13.43
C ASP A 55 21.21 -19.53 12.51
N HIS A 56 22.14 -18.59 12.66
CA HIS A 56 23.31 -18.52 11.81
C HIS A 56 24.63 -18.47 12.59
N GLY A 57 25.58 -19.34 12.20
CA GLY A 57 26.86 -19.36 12.88
C GLY A 57 27.66 -18.10 12.60
N VAL A 58 27.32 -17.40 11.52
CA VAL A 58 28.04 -16.17 11.16
C VAL A 58 27.88 -15.04 12.19
N VAL A 59 26.98 -15.22 13.16
CA VAL A 59 26.82 -14.19 14.17
C VAL A 59 28.12 -14.04 14.95
N ALA A 60 28.97 -15.06 14.87
CA ALA A 60 30.26 -15.02 15.57
C ALA A 60 31.19 -13.98 14.97
N GLU A 61 30.85 -13.49 13.78
CA GLU A 61 31.66 -12.48 13.09
C GLU A 61 31.26 -11.06 13.48
N GLY A 62 30.34 -10.95 14.44
CA GLY A 62 29.90 -9.64 14.89
C GLY A 62 29.17 -8.85 13.82
N VAL A 63 28.25 -9.50 13.13
CA VAL A 63 27.50 -8.86 12.05
C VAL A 63 26.12 -8.38 12.49
N SER A 64 25.79 -8.58 13.76
CA SER A 64 24.49 -8.16 14.28
C SER A 64 24.60 -7.61 15.70
N ALA A 65 23.79 -6.58 16.00
CA ALA A 65 23.78 -5.97 17.33
C ALA A 65 22.94 -6.81 18.29
N TYR A 66 22.12 -7.69 17.75
CA TYR A 66 21.26 -8.54 18.57
C TYR A 66 21.87 -9.91 18.83
N PRO A 67 21.70 -10.43 20.06
CA PRO A 67 22.23 -11.75 20.41
C PRO A 67 21.43 -12.84 19.69
N GLN A 68 22.09 -13.95 19.39
CA GLN A 68 21.48 -15.07 18.69
C GLN A 68 20.15 -15.55 19.29
N GLU A 69 20.04 -15.49 20.61
CA GLU A 69 18.86 -15.95 21.32
C GLU A 69 17.57 -15.29 20.85
N VAL A 70 17.68 -14.11 20.25
CA VAL A 70 16.51 -13.37 19.77
C VAL A 70 15.69 -14.13 18.72
N THR A 71 16.35 -14.97 17.93
CA THR A 71 15.61 -15.74 16.92
C THR A 71 14.56 -16.61 17.59
N ARG A 72 14.99 -17.41 18.56
CA ARG A 72 14.06 -18.28 19.29
C ARG A 72 13.00 -17.48 20.04
N GLN A 73 13.42 -16.40 20.68
CA GLN A 73 12.49 -15.56 21.43
C GLN A 73 11.45 -14.95 20.50
N MET A 74 11.87 -14.56 19.31
CA MET A 74 10.93 -13.97 18.36
C MET A 74 9.97 -15.02 17.84
N VAL A 75 10.43 -16.26 17.70
CA VAL A 75 9.53 -17.32 17.25
C VAL A 75 8.43 -17.47 18.29
N LEU A 76 8.81 -17.45 19.56
CA LEU A 76 7.82 -17.56 20.63
C LEU A 76 6.87 -16.35 20.55
N ASN A 77 7.43 -15.19 20.22
CA ASN A 77 6.63 -13.96 20.09
C ASN A 77 5.60 -14.18 18.99
N PHE A 78 6.02 -14.80 17.87
CA PHE A 78 5.13 -15.09 16.75
C PHE A 78 3.98 -15.97 17.23
N LEU A 79 4.31 -17.01 17.99
CA LEU A 79 3.29 -17.94 18.48
C LEU A 79 2.35 -17.31 19.51
N ARG A 80 2.79 -16.22 20.12
CA ARG A 80 1.96 -15.54 21.10
C ARG A 80 1.28 -14.31 20.51
N GLY A 81 1.51 -14.09 19.21
CA GLY A 81 0.91 -12.98 18.50
C GLY A 81 1.37 -11.57 18.79
N GLY A 82 2.59 -11.42 19.32
CA GLY A 82 3.08 -10.10 19.64
C GLY A 82 4.06 -9.45 18.66
N ALA A 83 4.32 -10.09 17.53
CA ALA A 83 5.25 -9.53 16.55
C ALA A 83 4.55 -8.68 15.49
N ALA A 84 5.34 -7.91 14.75
CA ALA A 84 4.79 -7.05 13.71
C ALA A 84 4.01 -7.89 12.70
N ILE A 85 4.57 -9.03 12.31
CA ILE A 85 3.91 -9.88 11.33
C ILE A 85 2.50 -10.31 11.79
N ASN A 86 2.34 -10.61 13.07
CA ASN A 86 1.02 -11.01 13.56
C ASN A 86 0.02 -9.87 13.42
N GLN A 87 0.48 -8.65 13.72
CA GLN A 87 -0.39 -7.48 13.64
C GLN A 87 -0.79 -7.16 12.20
N PHE A 88 0.16 -7.22 11.29
CA PHE A 88 -0.12 -6.94 9.89
C PHE A 88 -1.01 -8.02 9.27
N ALA A 89 -0.77 -9.27 9.66
CA ALA A 89 -1.57 -10.37 9.15
C ALA A 89 -3.03 -10.21 9.56
N LEU A 90 -3.24 -9.68 10.76
CA LEU A 90 -4.60 -9.48 11.25
C LEU A 90 -5.33 -8.46 10.37
N ALA A 91 -4.61 -7.41 9.98
CA ALA A 91 -5.19 -6.36 9.15
C ALA A 91 -5.29 -6.75 7.67
N ALA A 92 -4.64 -7.84 7.28
CA ALA A 92 -4.65 -8.25 5.88
C ALA A 92 -5.29 -9.61 5.59
N ASP A 93 -6.07 -10.14 6.53
CA ASP A 93 -6.72 -11.45 6.37
C ASP A 93 -5.73 -12.45 5.83
N CYS A 94 -4.67 -12.67 6.61
CA CYS A 94 -3.61 -13.57 6.22
C CYS A 94 -3.27 -14.49 7.39
N ALA A 95 -3.27 -15.79 7.13
CA ALA A 95 -2.93 -16.78 8.16
C ALA A 95 -1.43 -16.74 8.38
N VAL A 96 -0.99 -16.98 9.61
CA VAL A 96 0.43 -16.97 9.92
C VAL A 96 0.89 -18.35 10.35
N TYR A 97 1.89 -18.88 9.66
CA TYR A 97 2.46 -20.18 10.00
C TYR A 97 3.93 -19.96 10.28
N VAL A 98 4.48 -20.69 11.24
CA VAL A 98 5.89 -20.57 11.57
C VAL A 98 6.55 -21.92 11.33
N LEU A 99 7.75 -21.88 10.74
CA LEU A 99 8.49 -23.10 10.44
C LEU A 99 9.88 -23.01 11.06
N ASP A 100 10.19 -23.95 11.95
CA ASP A 100 11.52 -23.99 12.55
C ASP A 100 12.34 -25.01 11.77
N VAL A 101 13.34 -24.53 11.03
CA VAL A 101 14.21 -25.43 10.29
C VAL A 101 15.61 -25.40 10.88
N GLY A 102 15.84 -24.56 11.89
CA GLY A 102 17.18 -24.49 12.46
C GLY A 102 17.43 -23.52 13.60
N VAL A 103 16.43 -23.30 14.44
CA VAL A 103 16.60 -22.39 15.57
C VAL A 103 17.34 -23.11 16.69
N VAL A 104 18.21 -22.39 17.41
CA VAL A 104 18.93 -22.99 18.53
C VAL A 104 17.94 -23.06 19.71
N GLY A 105 17.83 -24.22 20.33
CA GLY A 105 16.93 -24.34 21.47
C GLY A 105 15.62 -25.04 21.12
N GLU A 106 14.90 -25.49 22.15
CA GLU A 106 13.63 -26.19 21.93
C GLU A 106 12.42 -25.28 21.88
N LEU A 107 11.40 -25.73 21.15
CA LEU A 107 10.15 -24.98 21.03
C LEU A 107 8.99 -25.90 21.40
N PRO A 108 7.90 -25.33 21.92
CA PRO A 108 6.75 -26.15 22.31
C PRO A 108 5.89 -26.51 21.10
N ASP A 109 5.18 -27.64 21.19
CA ASP A 109 4.28 -28.05 20.11
C ASP A 109 3.20 -26.96 20.03
N HIS A 110 2.88 -26.51 18.83
CA HIS A 110 1.87 -25.47 18.64
C HIS A 110 1.22 -25.66 17.26
N PRO A 111 -0.09 -25.47 17.16
CA PRO A 111 -0.78 -25.64 15.88
C PRO A 111 -0.27 -24.74 14.74
N GLY A 112 0.26 -23.57 15.09
CA GLY A 112 0.76 -22.66 14.07
C GLY A 112 2.25 -22.83 13.81
N LEU A 113 2.84 -23.87 14.40
CA LEU A 113 4.27 -24.12 14.24
C LEU A 113 4.59 -25.48 13.65
N LEU A 114 5.47 -25.49 12.66
CA LEU A 114 5.90 -26.75 12.05
C LEU A 114 7.33 -26.93 12.55
N LYS A 115 7.54 -27.97 13.35
CA LYS A 115 8.88 -28.22 13.89
C LYS A 115 9.65 -29.20 13.01
N ARG A 116 10.60 -28.65 12.24
CA ARG A 116 11.41 -29.45 11.33
C ARG A 116 12.89 -29.03 11.43
N LYS A 117 13.35 -28.85 12.65
CA LYS A 117 14.73 -28.42 12.89
C LYS A 117 15.71 -29.38 12.21
N VAL A 118 16.49 -28.85 11.27
CA VAL A 118 17.49 -29.63 10.54
C VAL A 118 18.74 -29.78 11.40
N ARG A 119 19.13 -28.68 12.03
CA ARG A 119 20.29 -28.63 12.92
C ARG A 119 20.15 -27.34 13.71
N PRO A 120 20.86 -27.24 14.85
CA PRO A 120 20.80 -26.03 15.67
C PRO A 120 21.59 -24.88 15.05
N GLY A 121 21.03 -24.27 14.02
CA GLY A 121 21.71 -23.19 13.35
C GLY A 121 22.79 -23.69 12.41
N THR A 122 23.22 -22.84 11.49
CA THR A 122 24.26 -23.21 10.54
C THR A 122 25.65 -22.99 11.14
N ALA A 123 26.66 -23.50 10.44
CA ALA A 123 28.04 -23.30 10.86
C ALA A 123 28.35 -21.88 10.38
N ASN A 124 29.48 -21.32 10.79
CA ASN A 124 29.88 -19.96 10.40
C ASN A 124 30.23 -19.93 8.92
N LEU A 125 29.39 -19.29 8.12
CA LEU A 125 29.60 -19.23 6.67
C LEU A 125 30.88 -18.50 6.24
N ALA A 126 31.45 -17.71 7.15
CA ALA A 126 32.67 -16.99 6.83
C ALA A 126 33.91 -17.87 6.99
N GLN A 127 33.75 -19.01 7.66
CA GLN A 127 34.87 -19.90 7.92
C GLN A 127 34.77 -21.27 7.26
N GLY A 128 33.60 -21.58 6.70
CA GLY A 128 33.41 -22.86 6.05
C GLY A 128 31.98 -23.03 5.59
N PRO A 129 31.62 -24.17 4.99
CA PRO A 129 30.25 -24.37 4.51
C PRO A 129 29.23 -24.21 5.64
N ALA A 130 28.16 -23.48 5.35
CA ALA A 130 27.13 -23.23 6.34
C ALA A 130 26.40 -24.50 6.75
N MET A 131 26.20 -25.40 5.80
CA MET A 131 25.50 -26.66 6.06
C MET A 131 25.89 -27.63 4.95
N THR A 132 25.46 -28.89 5.08
CA THR A 132 25.75 -29.89 4.05
C THR A 132 24.62 -29.86 3.02
N PRO A 133 24.88 -30.37 1.81
CA PRO A 133 23.83 -30.39 0.78
C PRO A 133 22.61 -31.17 1.26
N GLU A 134 22.85 -32.22 2.05
CA GLU A 134 21.78 -33.05 2.59
C GLU A 134 20.89 -32.26 3.56
N GLU A 135 21.50 -31.41 4.37
CA GLU A 135 20.76 -30.59 5.31
C GLU A 135 19.95 -29.53 4.54
N ALA A 136 20.55 -28.98 3.49
CA ALA A 136 19.86 -27.98 2.68
C ALA A 136 18.62 -28.63 2.06
N GLU A 137 18.74 -29.87 1.60
CA GLU A 137 17.59 -30.57 1.01
C GLU A 137 16.47 -30.72 2.03
N ARG A 138 16.82 -31.08 3.27
CA ARG A 138 15.79 -31.24 4.29
C ARG A 138 15.11 -29.91 4.58
N ALA A 139 15.88 -28.82 4.58
CA ALA A 139 15.31 -27.50 4.83
C ALA A 139 14.36 -27.11 3.70
N LEU A 140 14.77 -27.39 2.46
CA LEU A 140 13.96 -27.09 1.29
C LEU A 140 12.62 -27.82 1.37
N LEU A 141 12.67 -29.11 1.70
CA LEU A 141 11.47 -29.93 1.82
C LEU A 141 10.57 -29.49 2.96
N ALA A 142 11.16 -29.01 4.05
CA ALA A 142 10.38 -28.52 5.19
C ALA A 142 9.60 -27.30 4.72
N GLY A 143 10.21 -26.51 3.85
CA GLY A 143 9.56 -25.33 3.31
C GLY A 143 8.36 -25.73 2.45
N ARG A 144 8.54 -26.74 1.60
CA ARG A 144 7.43 -27.21 0.77
C ARG A 144 6.29 -27.69 1.65
N GLU A 145 6.63 -28.46 2.69
CA GLU A 145 5.62 -29.01 3.61
C GLU A 145 4.78 -27.91 4.26
N ALA A 146 5.44 -26.88 4.77
CA ALA A 146 4.74 -25.78 5.42
C ALA A 146 3.83 -25.04 4.44
N ALA A 147 4.32 -24.82 3.21
CA ALA A 147 3.53 -24.13 2.20
C ALA A 147 2.31 -24.96 1.82
N ARG A 148 2.50 -26.28 1.69
CA ARG A 148 1.40 -27.15 1.32
C ARG A 148 0.29 -27.10 2.35
N ARG A 149 0.66 -27.04 3.63
CA ARG A 149 -0.38 -26.95 4.65
C ARG A 149 -1.11 -25.62 4.54
N ALA A 150 -0.39 -24.55 4.25
CA ALA A 150 -1.01 -23.22 4.14
C ALA A 150 -2.03 -23.28 3.00
N ILE A 151 -1.61 -23.90 1.90
CA ILE A 151 -2.45 -24.04 0.72
C ILE A 151 -3.64 -24.96 1.00
N ALA A 152 -3.39 -26.09 1.66
CA ALA A 152 -4.45 -27.03 1.98
C ALA A 152 -5.49 -26.38 2.91
N GLU A 153 -5.04 -25.42 3.70
CA GLU A 153 -5.96 -24.75 4.61
C GLU A 153 -6.69 -23.56 3.98
N GLY A 154 -6.48 -23.34 2.69
CA GLY A 154 -7.20 -22.27 2.02
C GLY A 154 -6.49 -21.02 1.52
N ALA A 155 -5.17 -20.98 1.57
CA ALA A 155 -4.46 -19.80 1.09
C ALA A 155 -4.69 -19.60 -0.41
N THR A 156 -5.01 -18.36 -0.80
CA THR A 156 -5.23 -18.04 -2.22
C THR A 156 -4.07 -17.22 -2.76
N LEU A 157 -3.19 -16.79 -1.86
CA LEU A 157 -1.97 -16.07 -2.22
C LEU A 157 -1.01 -16.43 -1.10
N LEU A 158 0.27 -16.57 -1.45
CA LEU A 158 1.26 -17.01 -0.49
C LEU A 158 2.50 -16.12 -0.39
N ALA A 159 2.92 -15.86 0.84
CA ALA A 159 4.11 -15.05 1.07
C ALA A 159 5.02 -15.84 2.00
N ALA A 160 6.29 -15.47 2.01
CA ALA A 160 7.24 -16.12 2.90
C ALA A 160 7.80 -15.03 3.80
N GLY A 161 8.19 -15.43 5.01
CA GLY A 161 8.77 -14.50 5.96
C GLY A 161 10.04 -15.13 6.51
N ASP A 162 10.91 -14.30 7.07
CA ASP A 162 12.18 -14.79 7.61
C ASP A 162 12.39 -14.34 9.04
N MET A 163 13.10 -15.16 9.81
CA MET A 163 13.44 -14.78 11.18
C MET A 163 14.74 -15.52 11.47
N GLY A 164 15.81 -14.75 11.63
CA GLY A 164 17.10 -15.35 11.93
C GLY A 164 18.15 -14.28 12.11
N ILE A 165 18.65 -14.14 13.33
CA ILE A 165 19.68 -13.14 13.62
C ILE A 165 20.89 -13.44 12.76
N GLY A 166 21.36 -12.43 12.03
CA GLY A 166 22.51 -12.60 11.16
C GLY A 166 22.15 -13.08 9.76
N ASN A 167 20.86 -13.23 9.46
CA ASN A 167 20.52 -13.74 8.14
C ASN A 167 20.69 -12.77 6.97
N THR A 168 20.92 -11.49 7.25
CA THR A 168 21.12 -10.56 6.14
C THR A 168 22.52 -10.80 5.56
N THR A 169 23.41 -11.36 6.36
CA THR A 169 24.75 -11.66 5.87
C THR A 169 24.66 -12.90 5.00
N ALA A 170 23.93 -13.91 5.47
CA ALA A 170 23.75 -15.14 4.71
C ALA A 170 22.99 -14.81 3.42
N ALA A 171 22.02 -13.90 3.51
CA ALA A 171 21.25 -13.51 2.34
C ALA A 171 22.14 -12.79 1.33
N ALA A 172 23.07 -11.97 1.82
CA ALA A 172 23.99 -11.24 0.95
C ALA A 172 24.91 -12.21 0.23
N ALA A 173 25.39 -13.22 0.96
CA ALA A 173 26.29 -14.22 0.39
C ALA A 173 25.58 -15.02 -0.69
N LEU A 174 24.38 -15.49 -0.38
CA LEU A 174 23.59 -16.28 -1.32
C LEU A 174 23.25 -15.45 -2.54
N THR A 175 22.87 -14.19 -2.33
CA THR A 175 22.51 -13.32 -3.44
C THR A 175 23.72 -13.09 -4.34
N ALA A 176 24.85 -12.75 -3.74
CA ALA A 176 26.08 -12.51 -4.50
C ALA A 176 26.47 -13.75 -5.30
N ALA A 177 26.38 -14.91 -4.67
CA ALA A 177 26.75 -16.16 -5.32
C ALA A 177 25.84 -16.49 -6.51
N LEU A 178 24.54 -16.37 -6.32
CA LEU A 178 23.58 -16.66 -7.38
C LEU A 178 23.58 -15.65 -8.52
N LEU A 179 23.80 -14.37 -8.20
CA LEU A 179 23.80 -13.34 -9.21
C LEU A 179 25.20 -12.93 -9.68
N GLY A 180 26.23 -13.48 -9.03
CA GLY A 180 27.60 -13.16 -9.41
C GLY A 180 27.97 -11.72 -9.11
N LEU A 181 27.43 -11.19 -8.00
CA LEU A 181 27.72 -9.83 -7.59
C LEU A 181 28.81 -9.80 -6.53
N PRO A 182 29.47 -8.64 -6.37
CA PRO A 182 30.53 -8.48 -5.38
C PRO A 182 29.92 -8.14 -4.03
N PRO A 183 30.66 -8.38 -2.94
CA PRO A 183 30.15 -8.09 -1.59
C PRO A 183 29.66 -6.65 -1.41
N GLU A 184 30.36 -5.70 -2.03
CA GLU A 184 30.01 -4.29 -1.93
C GLU A 184 28.59 -3.94 -2.35
N ALA A 185 28.11 -4.59 -3.41
CA ALA A 185 26.77 -4.33 -3.92
C ALA A 185 25.63 -4.91 -3.07
N VAL A 186 25.86 -6.08 -2.49
CA VAL A 186 24.83 -6.75 -1.71
C VAL A 186 24.84 -6.51 -0.20
N VAL A 187 25.91 -5.92 0.32
CA VAL A 187 25.99 -5.68 1.75
C VAL A 187 25.66 -4.26 2.15
N GLY A 188 24.83 -4.11 3.18
CA GLY A 188 24.46 -2.79 3.66
C GLY A 188 24.22 -2.79 5.15
N GLY A 194 27.39 -0.02 12.52
CA GLY A 194 28.68 0.64 12.44
C GLY A 194 29.45 0.25 11.19
N GLU A 195 30.44 1.07 10.82
CA GLU A 195 31.24 0.80 9.64
C GLU A 195 32.05 -0.47 9.81
N GLU A 196 32.48 -0.75 11.03
CA GLU A 196 33.24 -1.95 11.28
C GLU A 196 32.42 -3.21 11.01
N GLY A 197 31.14 -3.17 11.38
CA GLY A 197 30.25 -4.30 11.17
C GLY A 197 30.13 -4.51 9.68
N LEU A 198 29.95 -3.41 8.95
CA LEU A 198 29.81 -3.36 7.51
C LEU A 198 30.94 -4.12 6.89
N ARG A 199 32.14 -3.73 7.31
CA ARG A 199 33.35 -4.32 6.84
C ARG A 199 33.43 -5.82 7.12
N ARG A 200 33.08 -6.23 8.34
CA ARG A 200 33.14 -7.66 8.64
C ARG A 200 32.10 -8.43 7.84
N LYS A 201 30.95 -7.81 7.56
CA LYS A 201 29.92 -8.52 6.78
C LYS A 201 30.45 -8.74 5.38
N ARG A 202 31.05 -7.70 4.78
CA ARG A 202 31.59 -7.82 3.44
C ARG A 202 32.67 -8.89 3.40
N GLN A 203 33.54 -8.91 4.42
CA GLN A 203 34.60 -9.91 4.45
C GLN A 203 34.01 -11.30 4.56
N ALA A 204 32.98 -11.45 5.38
CA ALA A 204 32.33 -12.74 5.56
C ALA A 204 31.79 -13.23 4.22
N VAL A 205 31.18 -12.31 3.47
CA VAL A 205 30.63 -12.64 2.16
C VAL A 205 31.74 -13.03 1.20
N ALA A 206 32.82 -12.25 1.18
CA ALA A 206 33.94 -12.52 0.30
C ALA A 206 34.53 -13.89 0.59
N ARG A 207 34.64 -14.24 1.87
CA ARG A 207 35.20 -15.53 2.26
C ARG A 207 34.33 -16.67 1.74
N ALA A 208 33.02 -16.53 1.91
CA ALA A 208 32.08 -17.56 1.45
C ALA A 208 32.17 -17.77 -0.05
N LEU A 209 32.19 -16.67 -0.80
CA LEU A 209 32.27 -16.75 -2.25
C LEU A 209 33.54 -17.46 -2.69
N ALA A 210 34.64 -17.17 -1.98
CA ALA A 210 35.93 -17.79 -2.28
C ALA A 210 35.89 -19.31 -2.22
N ARG A 211 34.96 -19.89 -1.47
CA ARG A 211 34.88 -21.34 -1.37
C ARG A 211 34.17 -21.96 -2.58
N LEU A 212 33.48 -21.14 -3.36
CA LEU A 212 32.75 -21.63 -4.53
C LEU A 212 33.64 -21.98 -5.71
N HIS A 213 33.15 -22.89 -6.56
CA HIS A 213 33.88 -23.33 -7.75
C HIS A 213 32.87 -23.79 -8.81
N PRO A 214 33.28 -23.87 -10.08
CA PRO A 214 32.34 -24.29 -11.15
C PRO A 214 31.76 -25.68 -10.96
N GLY A 215 30.58 -25.90 -11.56
CA GLY A 215 29.94 -27.20 -11.49
C GLY A 215 29.01 -27.42 -10.31
N MET A 216 28.77 -26.39 -9.50
CA MET A 216 27.91 -26.51 -8.35
C MET A 216 26.45 -26.19 -8.65
N GLY A 217 25.55 -27.07 -8.19
CA GLY A 217 24.13 -26.84 -8.40
C GLY A 217 23.66 -25.77 -7.45
N PRO A 218 22.50 -25.13 -7.72
CA PRO A 218 22.01 -24.08 -6.83
C PRO A 218 21.89 -24.51 -5.36
N LEU A 219 21.49 -25.76 -5.13
CA LEU A 219 21.34 -26.26 -3.77
C LEU A 219 22.70 -26.39 -3.11
N GLU A 220 23.70 -26.79 -3.89
CA GLU A 220 25.06 -26.94 -3.36
C GLU A 220 25.61 -25.57 -2.99
N VAL A 221 25.30 -24.57 -3.80
CA VAL A 221 25.75 -23.22 -3.55
C VAL A 221 25.11 -22.68 -2.26
N ALA A 222 23.81 -22.85 -2.14
CA ALA A 222 23.09 -22.38 -0.95
C ALA A 222 23.61 -23.05 0.32
N ALA A 223 23.89 -24.33 0.24
CA ALA A 223 24.39 -25.07 1.39
C ALA A 223 25.74 -24.49 1.83
N GLU A 224 26.56 -24.14 0.86
CA GLU A 224 27.88 -23.59 1.14
C GLU A 224 27.88 -22.21 1.76
N VAL A 225 27.02 -21.31 1.27
CA VAL A 225 27.05 -19.95 1.77
C VAL A 225 25.77 -19.35 2.35
N GLY A 226 24.67 -20.09 2.33
CA GLY A 226 23.42 -19.53 2.81
C GLY A 226 22.98 -19.86 4.23
N GLY A 227 21.66 -19.87 4.42
CA GLY A 227 21.07 -20.17 5.71
C GLY A 227 19.96 -21.18 5.53
N LEU A 228 19.64 -21.91 6.59
CA LEU A 228 18.59 -22.92 6.53
C LEU A 228 17.21 -22.37 6.18
N GLU A 229 16.83 -21.25 6.80
CA GLU A 229 15.52 -20.66 6.54
C GLU A 229 15.47 -20.08 5.14
N LEU A 230 16.62 -19.69 4.58
CA LEU A 230 16.63 -19.13 3.24
C LEU A 230 16.32 -20.24 2.24
N VAL A 231 16.86 -21.44 2.50
CA VAL A 231 16.61 -22.59 1.64
C VAL A 231 15.15 -23.03 1.83
N ALA A 232 14.66 -22.97 3.06
CA ALA A 232 13.28 -23.34 3.34
C ALA A 232 12.35 -22.38 2.60
N ILE A 233 12.75 -21.11 2.53
CA ILE A 233 11.95 -20.11 1.84
C ILE A 233 11.85 -20.45 0.36
N ALA A 234 12.93 -20.97 -0.21
CA ALA A 234 12.91 -21.38 -1.62
C ALA A 234 11.87 -22.49 -1.76
N GLY A 235 11.80 -23.38 -0.77
CA GLY A 235 10.85 -24.47 -0.80
C GLY A 235 9.42 -23.97 -0.72
N ILE A 236 9.19 -22.95 0.09
CA ILE A 236 7.87 -22.37 0.24
C ILE A 236 7.38 -21.84 -1.11
N TYR A 237 8.25 -21.11 -1.81
CA TYR A 237 7.88 -20.56 -3.11
C TYR A 237 7.74 -21.62 -4.20
N LEU A 238 8.59 -22.63 -4.19
CA LEU A 238 8.51 -23.70 -5.19
C LEU A 238 7.16 -24.42 -5.07
N GLU A 239 6.71 -24.63 -3.84
CA GLU A 239 5.45 -25.31 -3.59
C GLU A 239 4.28 -24.42 -4.01
N GLY A 240 4.37 -23.14 -3.68
CA GLY A 240 3.31 -22.21 -4.05
C GLY A 240 3.25 -22.10 -5.57
N TYR A 241 4.41 -22.06 -6.20
CA TYR A 241 4.51 -21.98 -7.65
C TYR A 241 3.79 -23.16 -8.31
N GLU A 242 4.08 -24.35 -7.84
CA GLU A 242 3.47 -25.56 -8.40
C GLU A 242 1.97 -25.63 -8.12
N ALA A 243 1.53 -24.98 -7.04
CA ALA A 243 0.11 -24.95 -6.69
C ALA A 243 -0.62 -23.90 -7.54
N GLY A 244 0.14 -23.13 -8.32
CA GLY A 244 -0.44 -22.11 -9.19
C GLY A 244 -0.90 -20.83 -8.50
N LEU A 245 -0.35 -20.54 -7.33
CA LEU A 245 -0.76 -19.36 -6.58
C LEU A 245 0.10 -18.11 -6.80
N PRO A 246 -0.47 -16.93 -6.55
CA PRO A 246 0.30 -15.70 -6.72
C PRO A 246 1.25 -15.76 -5.53
N LEU A 247 2.51 -15.41 -5.72
CA LEU A 247 3.49 -15.44 -4.65
C LEU A 247 3.98 -14.03 -4.35
N VAL A 248 4.03 -13.67 -3.07
CA VAL A 248 4.45 -12.32 -2.68
C VAL A 248 5.80 -12.30 -1.96
N LEU A 249 6.69 -11.44 -2.45
CA LEU A 249 8.03 -11.30 -1.88
C LEU A 249 8.03 -10.32 -0.73
N ASP A 250 8.87 -10.58 0.26
CA ASP A 250 9.03 -9.70 1.39
C ASP A 250 10.36 -8.95 1.19
N GLY A 251 11.21 -8.97 2.21
CA GLY A 251 12.47 -8.25 2.14
C GLY A 251 13.68 -8.95 1.55
N PHE A 252 14.87 -8.48 1.92
CA PHE A 252 16.14 -8.99 1.42
C PHE A 252 16.38 -10.50 1.62
N PRO A 253 16.27 -11.00 2.87
CA PRO A 253 16.49 -12.44 3.08
C PRO A 253 15.44 -13.30 2.37
N VAL A 254 14.17 -12.88 2.45
CA VAL A 254 13.12 -13.64 1.79
C VAL A 254 13.33 -13.66 0.28
N THR A 255 13.70 -12.53 -0.28
CA THR A 255 13.92 -12.43 -1.71
C THR A 255 15.15 -13.24 -2.12
N ALA A 256 16.11 -13.40 -1.21
CA ALA A 256 17.29 -14.20 -1.52
C ALA A 256 16.79 -15.65 -1.68
N GLY A 257 15.84 -16.04 -0.83
CA GLY A 257 15.29 -17.37 -0.92
C GLY A 257 14.55 -17.55 -2.24
N ALA A 258 13.83 -16.52 -2.66
CA ALA A 258 13.11 -16.58 -3.93
C ALA A 258 14.06 -16.72 -5.11
N LEU A 259 15.22 -16.05 -5.04
CA LEU A 259 16.20 -16.13 -6.11
C LEU A 259 16.68 -17.57 -6.26
N LEU A 260 16.86 -18.25 -5.13
CA LEU A 260 17.30 -19.63 -5.15
C LEU A 260 16.24 -20.50 -5.82
N ALA A 261 14.98 -20.26 -5.48
CA ALA A 261 13.87 -21.01 -6.06
C ALA A 261 13.81 -20.76 -7.57
N TRP A 262 14.00 -19.51 -7.95
CA TRP A 262 13.99 -19.11 -9.36
C TRP A 262 15.09 -19.84 -10.13
N LYS A 263 16.27 -19.95 -9.53
CA LYS A 263 17.38 -20.64 -10.17
C LYS A 263 17.06 -22.11 -10.38
N MET A 264 16.25 -22.67 -9.50
CA MET A 264 15.87 -24.08 -9.61
C MET A 264 14.67 -24.24 -10.55
N ALA A 265 13.85 -23.19 -10.65
CA ALA A 265 12.65 -23.22 -11.49
C ALA A 265 12.45 -21.88 -12.20
N PRO A 266 13.04 -21.72 -13.39
CA PRO A 266 12.97 -20.50 -14.21
C PRO A 266 11.59 -19.86 -14.35
N GLY A 267 10.56 -20.69 -14.54
CA GLY A 267 9.22 -20.15 -14.72
C GLY A 267 8.55 -19.57 -13.48
N LEU A 268 9.15 -19.80 -12.31
CA LEU A 268 8.59 -19.31 -11.05
C LEU A 268 8.51 -17.79 -10.98
N ARG A 269 9.37 -17.13 -11.72
CA ARG A 269 9.41 -15.67 -11.74
C ARG A 269 8.08 -15.05 -12.15
N ASP A 270 7.35 -15.70 -13.04
CA ASP A 270 6.06 -15.20 -13.51
C ASP A 270 4.97 -15.18 -12.43
N HIS A 271 5.20 -15.90 -11.34
CA HIS A 271 4.24 -15.95 -10.24
C HIS A 271 4.57 -15.01 -9.10
N LEU A 272 5.72 -14.34 -9.19
CA LEU A 272 6.18 -13.44 -8.14
C LEU A 272 5.71 -11.99 -8.24
N PHE A 273 5.39 -11.44 -7.07
CA PHE A 273 4.96 -10.06 -6.94
C PHE A 273 5.81 -9.47 -5.82
N ALA A 274 6.47 -8.35 -6.09
CA ALA A 274 7.31 -7.72 -5.07
C ALA A 274 6.44 -6.89 -4.14
N GLY A 275 6.29 -7.38 -2.90
CA GLY A 275 5.47 -6.66 -1.93
C GLY A 275 5.96 -5.25 -1.63
N HIS A 276 7.25 -5.10 -1.36
CA HIS A 276 7.79 -3.79 -1.06
C HIS A 276 9.27 -3.70 -1.36
N LEU A 277 9.83 -2.53 -1.10
CA LEU A 277 11.26 -2.31 -1.30
C LEU A 277 11.84 -2.04 0.09
N SER A 278 12.67 -2.96 0.56
CA SER A 278 13.30 -2.86 1.86
C SER A 278 14.37 -1.78 1.84
N ARG A 279 14.76 -1.31 3.02
CA ARG A 279 15.80 -0.30 3.14
C ARG A 279 17.15 -0.98 2.88
N GLU A 280 17.18 -2.31 2.98
CA GLU A 280 18.41 -3.04 2.72
C GLU A 280 18.86 -2.77 1.30
N PRO A 281 20.08 -2.22 1.14
CA PRO A 281 20.67 -1.88 -0.16
C PRO A 281 20.55 -2.97 -1.22
N GLY A 282 20.89 -4.20 -0.85
CA GLY A 282 20.83 -5.30 -1.80
C GLY A 282 19.46 -5.69 -2.33
N HIS A 283 18.40 -5.27 -1.67
CA HIS A 283 17.05 -5.62 -2.10
C HIS A 283 16.75 -5.11 -3.52
N ARG A 284 17.10 -3.86 -3.81
CA ARG A 284 16.84 -3.31 -5.13
C ARG A 284 17.53 -4.15 -6.22
N HIS A 285 18.75 -4.60 -5.95
CA HIS A 285 19.48 -5.41 -6.92
C HIS A 285 18.75 -6.72 -7.21
N GLN A 286 18.21 -7.33 -6.16
CA GLN A 286 17.48 -8.58 -6.31
C GLN A 286 16.23 -8.38 -7.16
N LEU A 287 15.47 -7.33 -6.86
CA LEU A 287 14.25 -7.03 -7.59
C LEU A 287 14.55 -6.70 -9.05
N GLU A 288 15.67 -6.02 -9.29
CA GLU A 288 16.05 -5.67 -10.66
C GLU A 288 16.40 -6.97 -11.41
N ALA A 289 17.11 -7.88 -10.75
CA ALA A 289 17.49 -9.14 -11.36
C ALA A 289 16.25 -9.95 -11.71
N LEU A 290 15.21 -9.80 -10.90
CA LEU A 290 13.96 -10.51 -11.13
C LEU A 290 13.05 -9.73 -12.07
N GLY A 291 13.37 -8.46 -12.28
CA GLY A 291 12.57 -7.62 -13.16
C GLY A 291 11.22 -7.30 -12.55
N LEU A 292 11.20 -7.07 -11.25
CA LEU A 292 9.96 -6.78 -10.54
C LEU A 292 9.91 -5.39 -9.94
N ARG A 293 8.73 -4.78 -9.98
CA ARG A 293 8.53 -3.45 -9.41
C ARG A 293 7.86 -3.59 -8.06
N PRO A 294 8.44 -2.99 -7.02
CA PRO A 294 7.90 -3.04 -5.65
C PRO A 294 6.56 -2.29 -5.55
N LEU A 295 5.58 -2.91 -4.90
CA LEU A 295 4.27 -2.28 -4.74
C LEU A 295 4.29 -1.19 -3.68
N LEU A 296 5.01 -1.45 -2.59
CA LEU A 296 5.11 -0.50 -1.48
C LEU A 296 6.54 -0.05 -1.25
N ASP A 297 6.69 1.15 -0.70
CA ASP A 297 7.99 1.70 -0.36
C ASP A 297 7.76 2.51 0.91
N LEU A 298 7.85 1.85 2.05
CA LEU A 298 7.60 2.50 3.34
C LEU A 298 8.84 2.55 4.23
N ASP A 299 10.01 2.33 3.62
CA ASP A 299 11.27 2.36 4.34
C ASP A 299 11.31 1.31 5.46
N LEU A 300 10.70 0.16 5.20
CA LEU A 300 10.67 -0.92 6.18
C LEU A 300 11.99 -1.66 6.16
N ALA A 301 12.41 -2.15 7.32
CA ALA A 301 13.66 -2.89 7.42
C ALA A 301 13.53 -3.97 8.47
N LEU A 302 12.33 -4.53 8.61
CA LEU A 302 12.08 -5.54 9.61
C LEU A 302 12.13 -7.00 9.15
N GLY A 303 11.46 -7.33 8.05
CA GLY A 303 11.43 -8.70 7.58
C GLY A 303 10.22 -9.43 8.16
N GLU A 304 10.36 -10.71 8.47
CA GLU A 304 9.25 -11.50 9.03
C GLU A 304 8.12 -11.72 8.02
N GLY A 305 8.25 -11.14 6.83
CA GLY A 305 7.19 -11.26 5.84
C GLY A 305 6.25 -10.06 5.91
N THR A 306 6.61 -9.09 6.74
CA THR A 306 5.78 -7.90 6.95
C THR A 306 5.42 -7.13 5.69
N GLY A 307 6.43 -6.85 4.86
CA GLY A 307 6.16 -6.10 3.64
C GLY A 307 5.25 -6.85 2.69
N ALA A 308 5.46 -8.16 2.57
CA ALA A 308 4.65 -8.98 1.71
C ALA A 308 3.19 -8.99 2.15
N VAL A 309 2.98 -9.13 3.46
CA VAL A 309 1.62 -9.15 4.01
C VAL A 309 0.90 -7.82 3.85
N LEU A 310 1.64 -6.72 4.02
CA LEU A 310 1.05 -5.39 3.85
C LEU A 310 0.60 -5.18 2.40
N ALA A 311 1.23 -5.90 1.47
CA ALA A 311 0.87 -5.76 0.05
C ALA A 311 -0.31 -6.62 -0.40
N MET A 312 -0.73 -7.57 0.44
CA MET A 312 -1.82 -8.45 0.04
C MET A 312 -3.12 -7.71 -0.26
N PRO A 313 -3.50 -6.72 0.57
CA PRO A 313 -4.75 -6.01 0.26
C PRO A 313 -4.68 -5.32 -1.11
N LEU A 314 -3.47 -4.89 -1.49
CA LEU A 314 -3.29 -4.25 -2.79
C LEU A 314 -3.50 -5.27 -3.90
N LEU A 315 -3.01 -6.50 -3.68
CA LEU A 315 -3.19 -7.53 -4.69
C LEU A 315 -4.67 -7.85 -4.86
N ARG A 316 -5.41 -7.88 -3.75
CA ARG A 316 -6.84 -8.16 -3.81
C ARG A 316 -7.57 -7.05 -4.56
N ALA A 317 -7.18 -5.81 -4.26
CA ALA A 317 -7.79 -4.65 -4.93
C ALA A 317 -7.53 -4.73 -6.42
N ALA A 318 -6.30 -5.07 -6.79
CA ALA A 318 -5.92 -5.19 -8.19
C ALA A 318 -6.81 -6.21 -8.91
N ALA A 319 -7.04 -7.36 -8.27
CA ALA A 319 -7.88 -8.39 -8.87
C ALA A 319 -9.29 -7.88 -9.15
N ARG A 320 -9.82 -7.06 -8.23
CA ARG A 320 -11.16 -6.52 -8.38
C ARG A 320 -11.32 -5.52 -9.53
N ILE A 321 -10.21 -4.94 -9.99
CA ILE A 321 -10.29 -3.98 -11.09
C ILE A 321 -11.02 -4.57 -12.28
N LEU A 322 -10.70 -5.82 -12.60
CA LEU A 322 -11.31 -6.50 -13.74
C LEU A 322 -12.79 -6.82 -13.52
N HIS A 323 -13.28 -6.58 -12.30
CA HIS A 323 -14.67 -6.82 -11.98
C HIS A 323 -15.48 -5.54 -12.21
N MET A 324 -14.79 -4.46 -12.58
CA MET A 324 -15.45 -3.20 -12.86
C MET A 324 -16.28 -3.40 -14.13
N ALA A 325 -17.21 -2.49 -14.38
CA ALA A 325 -18.03 -2.56 -15.58
C ALA A 325 -17.28 -1.88 -16.71
N THR A 326 -17.52 -2.31 -17.94
CA THR A 326 -16.87 -1.70 -19.09
C THR A 326 -17.78 -0.56 -19.55
N PHE A 327 -17.27 0.31 -20.41
CA PHE A 327 -18.07 1.43 -20.92
C PHE A 327 -19.39 0.92 -21.48
N GLN A 328 -19.30 -0.13 -22.29
CA GLN A 328 -20.46 -0.72 -22.93
C GLN A 328 -21.42 -1.33 -21.90
N GLU A 329 -20.87 -1.95 -20.87
CA GLU A 329 -21.68 -2.58 -19.83
C GLU A 329 -22.40 -1.58 -18.93
N ALA A 330 -21.74 -0.46 -18.64
CA ALA A 330 -22.31 0.56 -17.77
C ALA A 330 -23.06 1.66 -18.50
N GLY A 331 -22.88 1.74 -19.81
CA GLY A 331 -23.57 2.78 -20.57
C GLY A 331 -22.94 4.14 -20.33
N VAL A 332 -21.61 4.16 -20.30
CA VAL A 332 -20.87 5.39 -20.09
C VAL A 332 -20.26 5.81 -21.43
N SER A 333 -20.40 7.08 -21.78
CA SER A 333 -19.87 7.61 -23.05
C SER A 333 -18.35 7.64 -22.99
N ARG A 334 -17.67 7.64 -24.13
CA ARG A 334 -16.22 7.57 -24.12
C ARG A 334 -15.58 8.86 -24.61
N GLY A 335 -14.26 8.88 -24.63
CA GLY A 335 -13.55 10.03 -25.15
C GLY A 335 -12.23 9.76 -25.84
N MET B 1 -6.41 15.93 19.35
CA MET B 1 -5.07 15.31 19.56
C MET B 1 -4.73 15.31 21.05
N ASP B 2 -4.22 14.19 21.54
CA ASP B 2 -3.86 14.06 22.95
C ASP B 2 -2.33 14.06 23.13
N PRO B 3 -1.77 15.16 23.64
CA PRO B 3 -0.32 15.26 23.85
C PRO B 3 0.25 14.18 24.75
N GLU B 4 -0.46 13.89 25.84
CA GLU B 4 -0.02 12.86 26.78
C GLU B 4 0.03 11.48 26.11
N VAL B 5 -1.06 11.11 25.45
CA VAL B 5 -1.14 9.83 24.76
C VAL B 5 -0.01 9.69 23.77
N PHE B 6 0.27 10.75 23.03
CA PHE B 6 1.34 10.72 22.04
C PHE B 6 2.67 10.38 22.70
N ALA B 7 2.93 11.02 23.84
CA ALA B 7 4.17 10.79 24.58
C ALA B 7 4.25 9.35 25.07
N GLN B 8 3.13 8.84 25.57
CA GLN B 8 3.09 7.47 26.07
C GLN B 8 3.28 6.50 24.89
N ALA B 9 2.63 6.81 23.78
CA ALA B 9 2.73 5.99 22.58
C ALA B 9 4.17 5.98 22.07
N ARG B 10 4.82 7.13 22.12
CA ARG B 10 6.21 7.24 21.68
C ARG B 10 7.10 6.33 22.52
N LEU B 11 6.86 6.32 23.83
CA LEU B 11 7.63 5.48 24.72
C LEU B 11 7.41 4.00 24.42
N ARG B 12 6.16 3.62 24.21
CA ARG B 12 5.87 2.22 23.92
C ARG B 12 6.54 1.82 22.60
N MET B 13 6.42 2.66 21.58
CA MET B 13 7.01 2.40 20.27
C MET B 13 8.50 2.05 20.40
N ASP B 14 9.22 2.81 21.22
CA ASP B 14 10.65 2.58 21.42
C ASP B 14 10.95 1.27 22.15
N GLN B 15 9.90 0.64 22.68
CA GLN B 15 10.06 -0.62 23.41
C GLN B 15 9.50 -1.84 22.68
N LEU B 16 8.84 -1.63 21.54
CA LEU B 16 8.26 -2.74 20.80
C LEU B 16 9.34 -3.68 20.27
N THR B 17 8.98 -4.94 20.07
CA THR B 17 9.93 -5.94 19.58
C THR B 17 10.27 -5.86 18.10
N LYS B 18 11.14 -4.92 17.76
CA LYS B 18 11.60 -4.68 16.39
C LYS B 18 12.74 -3.68 16.54
N PRO B 19 13.70 -3.69 15.60
CA PRO B 19 14.81 -2.73 15.72
C PRO B 19 14.28 -1.30 15.62
N PRO B 20 15.07 -0.33 16.12
CA PRO B 20 14.65 1.08 16.05
C PRO B 20 14.35 1.50 14.62
N ARG B 21 13.18 2.08 14.42
CA ARG B 21 12.78 2.57 13.11
C ARG B 21 12.63 1.50 12.02
N ALA B 22 12.54 0.25 12.43
CA ALA B 22 12.41 -0.87 11.48
C ALA B 22 11.08 -0.86 10.70
N LEU B 23 10.06 -0.21 11.23
CA LEU B 23 8.77 -0.17 10.53
C LEU B 23 8.57 1.17 9.79
N GLY B 24 9.70 1.81 9.51
CA GLY B 24 9.72 3.07 8.77
C GLY B 24 8.61 4.07 8.99
N TYR B 25 8.05 4.54 7.87
CA TYR B 25 7.00 5.55 7.91
C TYR B 25 5.75 5.16 8.68
N LEU B 26 5.48 3.86 8.81
CA LEU B 26 4.29 3.41 9.52
C LEU B 26 4.36 3.73 11.00
N GLU B 27 5.57 3.90 11.54
CA GLU B 27 5.71 4.22 12.95
C GLU B 27 5.11 5.60 13.25
N GLU B 28 5.41 6.56 12.41
CA GLU B 28 4.87 7.91 12.58
C GLU B 28 3.35 7.88 12.45
N VAL B 29 2.86 7.09 11.50
CA VAL B 29 1.42 6.99 11.28
C VAL B 29 0.73 6.42 12.53
N ALA B 30 1.33 5.40 13.12
CA ALA B 30 0.76 4.79 14.32
C ALA B 30 0.68 5.78 15.47
N LEU B 31 1.75 6.55 15.68
CA LEU B 31 1.79 7.51 16.75
C LEU B 31 0.74 8.60 16.58
N ARG B 32 0.52 9.03 15.33
CA ARG B 32 -0.48 10.05 15.05
C ARG B 32 -1.86 9.50 15.34
N LEU B 33 -2.10 8.26 14.94
CA LEU B 33 -3.40 7.63 15.18
C LEU B 33 -3.64 7.50 16.67
N ALA B 34 -2.57 7.20 17.42
CA ALA B 34 -2.67 7.06 18.87
C ALA B 34 -3.13 8.37 19.50
N ALA B 35 -2.45 9.45 19.13
CA ALA B 35 -2.78 10.77 19.64
C ALA B 35 -4.18 11.19 19.21
N LEU B 36 -4.50 10.87 17.96
CA LEU B 36 -5.80 11.22 17.40
C LEU B 36 -6.96 10.57 18.15
N GLN B 37 -6.85 9.26 18.42
CA GLN B 37 -7.91 8.56 19.14
C GLN B 37 -7.76 8.69 20.65
N GLY B 38 -6.63 9.19 21.11
CA GLY B 38 -6.41 9.31 22.54
C GLY B 38 -6.23 7.95 23.19
N ARG B 39 -5.72 7.00 22.42
CA ARG B 39 -5.48 5.63 22.91
C ARG B 39 -4.01 5.29 22.66
N VAL B 40 -3.37 4.62 23.63
CA VAL B 40 -1.98 4.23 23.46
C VAL B 40 -1.91 3.13 22.40
N LYS B 41 -2.97 2.34 22.33
CA LYS B 41 -3.07 1.26 21.35
C LYS B 41 -4.28 1.54 20.46
N PRO B 42 -4.08 2.36 19.42
CA PRO B 42 -5.14 2.75 18.48
C PRO B 42 -5.69 1.55 17.73
N GLU B 43 -6.88 1.71 17.15
CA GLU B 43 -7.47 0.65 16.37
C GLU B 43 -8.52 1.18 15.43
N LEU B 44 -8.41 0.79 14.16
CA LEU B 44 -9.35 1.23 13.15
C LEU B 44 -10.18 0.06 12.66
N GLY B 45 -11.35 0.34 12.13
CA GLY B 45 -12.21 -0.72 11.63
C GLY B 45 -12.85 -0.35 10.31
N ARG B 46 -14.16 -0.53 10.23
CA ARG B 46 -14.93 -0.21 9.03
C ARG B 46 -14.66 1.22 8.59
N GLY B 47 -14.40 1.40 7.29
CA GLY B 47 -14.15 2.73 6.78
C GLY B 47 -15.31 3.20 5.93
N ALA B 48 -15.25 4.46 5.49
CA ALA B 48 -16.29 4.98 4.63
C ALA B 48 -15.72 6.01 3.68
N VAL B 49 -16.27 6.05 2.47
CA VAL B 49 -15.85 7.03 1.49
C VAL B 49 -17.13 7.69 0.98
N VAL B 50 -17.12 9.02 0.94
CA VAL B 50 -18.25 9.78 0.46
C VAL B 50 -17.80 10.43 -0.85
N VAL B 51 -18.35 9.94 -1.95
CA VAL B 51 -18.01 10.45 -3.26
C VAL B 51 -18.95 11.61 -3.61
N ALA B 52 -18.39 12.79 -3.76
CA ALA B 52 -19.18 13.98 -4.11
C ALA B 52 -19.13 14.19 -5.61
N ALA B 53 -20.30 14.38 -6.22
CA ALA B 53 -20.37 14.57 -7.66
C ALA B 53 -21.06 15.87 -8.08
N ALA B 54 -20.56 16.47 -9.14
CA ALA B 54 -21.12 17.72 -9.65
C ALA B 54 -20.48 18.00 -10.99
N ASP B 55 -21.17 18.76 -11.84
CA ASP B 55 -20.64 19.11 -13.15
C ASP B 55 -20.06 20.52 -13.13
N HIS B 56 -19.24 20.82 -14.12
CA HIS B 56 -18.57 22.10 -14.23
C HIS B 56 -18.80 22.81 -15.55
N GLY B 57 -19.15 24.09 -15.48
CA GLY B 57 -19.39 24.85 -16.70
C GLY B 57 -18.14 25.01 -17.55
N VAL B 58 -16.97 24.90 -16.91
CA VAL B 58 -15.72 25.07 -17.64
C VAL B 58 -15.50 24.04 -18.74
N VAL B 59 -16.35 23.02 -18.78
CA VAL B 59 -16.22 22.01 -19.84
C VAL B 59 -16.39 22.71 -21.19
N ALA B 60 -17.03 23.88 -21.19
CA ALA B 60 -17.24 24.64 -22.41
C ALA B 60 -15.90 25.09 -22.98
N GLU B 61 -14.90 25.21 -22.10
CA GLU B 61 -13.56 25.63 -22.52
C GLU B 61 -12.81 24.51 -23.21
N GLY B 62 -13.42 23.33 -23.27
CA GLY B 62 -12.77 22.20 -23.91
C GLY B 62 -11.59 21.69 -23.11
N VAL B 63 -11.76 21.63 -21.80
CA VAL B 63 -10.68 21.17 -20.91
C VAL B 63 -10.72 19.68 -20.63
N SER B 64 -11.65 18.97 -21.27
CA SER B 64 -11.77 17.53 -21.07
C SER B 64 -12.11 16.79 -22.35
N ALA B 65 -11.57 15.59 -22.48
CA ALA B 65 -11.82 14.76 -23.66
C ALA B 65 -13.15 14.05 -23.54
N TYR B 66 -13.70 14.01 -22.33
CA TYR B 66 -14.98 13.34 -22.07
C TYR B 66 -16.16 14.29 -22.05
N PRO B 67 -17.32 13.82 -22.55
CA PRO B 67 -18.55 14.63 -22.58
C PRO B 67 -19.03 14.85 -21.15
N GLN B 68 -19.71 15.95 -20.90
CA GLN B 68 -20.19 16.27 -19.56
C GLN B 68 -21.11 15.19 -19.00
N GLU B 69 -21.85 14.52 -19.89
CA GLU B 69 -22.78 13.46 -19.50
C GLU B 69 -22.13 12.32 -18.71
N VAL B 70 -20.82 12.15 -18.87
CA VAL B 70 -20.10 11.09 -18.16
C VAL B 70 -20.23 11.18 -16.64
N THR B 71 -20.31 12.40 -16.10
CA THR B 71 -20.44 12.56 -14.66
C THR B 71 -21.68 11.83 -14.14
N ARG B 72 -22.83 12.13 -14.74
CA ARG B 72 -24.07 11.49 -14.33
C ARG B 72 -24.06 9.99 -14.58
N GLN B 73 -23.52 9.58 -15.72
CA GLN B 73 -23.45 8.17 -16.07
C GLN B 73 -22.60 7.40 -15.06
N MET B 74 -21.56 8.06 -14.56
CA MET B 74 -20.68 7.43 -13.58
C MET B 74 -21.35 7.32 -12.21
N VAL B 75 -22.18 8.30 -11.87
CA VAL B 75 -22.88 8.26 -10.59
C VAL B 75 -23.77 7.03 -10.58
N LEU B 76 -24.40 6.76 -11.72
CA LEU B 76 -25.28 5.58 -11.84
C LEU B 76 -24.41 4.34 -11.74
N ASN B 77 -23.21 4.42 -12.31
CA ASN B 77 -22.27 3.31 -12.29
C ASN B 77 -21.93 3.02 -10.81
N PHE B 78 -21.72 4.08 -10.04
CA PHE B 78 -21.42 3.95 -8.60
C PHE B 78 -22.55 3.20 -7.89
N LEU B 79 -23.77 3.64 -8.14
CA LEU B 79 -24.95 3.05 -7.50
C LEU B 79 -25.15 1.59 -7.86
N ARG B 80 -24.63 1.17 -9.00
CA ARG B 80 -24.76 -0.21 -9.45
C ARG B 80 -23.54 -1.06 -9.10
N GLY B 81 -22.52 -0.41 -8.53
CA GLY B 81 -21.31 -1.11 -8.12
C GLY B 81 -20.33 -1.48 -9.21
N GLY B 82 -20.35 -0.74 -10.33
CA GLY B 82 -19.45 -1.05 -11.42
C GLY B 82 -18.23 -0.17 -11.59
N ALA B 83 -18.04 0.80 -10.70
CA ALA B 83 -16.89 1.69 -10.80
C ALA B 83 -15.71 1.16 -9.98
N ALA B 84 -14.54 1.74 -10.18
CA ALA B 84 -13.35 1.33 -9.46
C ALA B 84 -13.50 1.52 -7.96
N ILE B 85 -14.12 2.64 -7.55
CA ILE B 85 -14.30 2.89 -6.12
C ILE B 85 -15.13 1.78 -5.47
N ASN B 86 -16.12 1.26 -6.18
CA ASN B 86 -16.95 0.19 -5.62
C ASN B 86 -16.09 -1.06 -5.38
N GLN B 87 -15.26 -1.40 -6.36
CA GLN B 87 -14.41 -2.58 -6.27
C GLN B 87 -13.34 -2.48 -5.20
N PHE B 88 -12.67 -1.33 -5.11
CA PHE B 88 -11.64 -1.16 -4.10
C PHE B 88 -12.28 -1.17 -2.71
N ALA B 89 -13.45 -0.55 -2.59
CA ALA B 89 -14.15 -0.50 -1.32
C ALA B 89 -14.45 -1.91 -0.81
N LEU B 90 -14.79 -2.81 -1.72
CA LEU B 90 -15.09 -4.20 -1.36
C LEU B 90 -13.85 -4.88 -0.82
N ALA B 91 -12.69 -4.51 -1.35
CA ALA B 91 -11.42 -5.11 -0.93
C ALA B 91 -10.81 -4.40 0.28
N ALA B 92 -11.38 -3.28 0.68
CA ALA B 92 -10.82 -2.52 1.81
C ALA B 92 -11.77 -2.30 2.98
N ASP B 93 -12.86 -3.07 3.03
CA ASP B 93 -13.85 -2.96 4.11
C ASP B 93 -14.23 -1.50 4.30
N CYS B 94 -14.72 -0.90 3.23
CA CYS B 94 -15.12 0.51 3.24
C CYS B 94 -16.51 0.66 2.65
N ALA B 95 -17.38 1.40 3.33
CA ALA B 95 -18.73 1.64 2.84
C ALA B 95 -18.67 2.79 1.84
N VAL B 96 -19.56 2.76 0.85
CA VAL B 96 -19.57 3.80 -0.17
C VAL B 96 -20.86 4.60 -0.15
N TYR B 97 -20.72 5.93 -0.16
CA TYR B 97 -21.86 6.83 -0.19
C TYR B 97 -21.63 7.79 -1.35
N VAL B 98 -22.71 8.20 -2.01
CA VAL B 98 -22.60 9.12 -3.12
C VAL B 98 -23.43 10.36 -2.82
N LEU B 99 -22.86 11.53 -3.12
CA LEU B 99 -23.53 12.80 -2.88
C LEU B 99 -23.63 13.62 -4.15
N ASP B 100 -24.87 13.94 -4.54
CA ASP B 100 -25.09 14.75 -5.72
C ASP B 100 -25.29 16.19 -5.26
N VAL B 101 -24.34 17.06 -5.57
CA VAL B 101 -24.47 18.45 -5.18
C VAL B 101 -24.51 19.38 -6.40
N GLY B 102 -24.41 18.81 -7.59
CA GLY B 102 -24.44 19.63 -8.77
C GLY B 102 -24.33 18.94 -10.12
N VAL B 103 -24.83 17.72 -10.21
CA VAL B 103 -24.79 16.97 -11.45
C VAL B 103 -25.86 17.50 -12.39
N VAL B 104 -25.56 17.54 -13.68
CA VAL B 104 -26.52 18.01 -14.67
C VAL B 104 -27.47 16.85 -14.99
N GLY B 105 -28.71 16.98 -14.53
CA GLY B 105 -29.68 15.93 -14.79
C GLY B 105 -30.20 15.27 -13.53
N GLU B 106 -31.42 14.77 -13.62
CA GLU B 106 -32.07 14.10 -12.51
C GLU B 106 -31.46 12.72 -12.25
N LEU B 107 -31.46 12.35 -10.97
CA LEU B 107 -30.95 11.05 -10.54
C LEU B 107 -32.07 10.36 -9.78
N PRO B 108 -32.18 9.04 -9.90
CA PRO B 108 -33.22 8.27 -9.22
C PRO B 108 -32.92 8.11 -7.73
N ASP B 109 -33.97 7.93 -6.93
CA ASP B 109 -33.79 7.73 -5.50
C ASP B 109 -33.04 6.41 -5.35
N HIS B 110 -32.09 6.36 -4.43
CA HIS B 110 -31.31 5.13 -4.23
C HIS B 110 -30.70 5.12 -2.83
N PRO B 111 -30.68 3.95 -2.18
CA PRO B 111 -30.13 3.76 -0.84
C PRO B 111 -28.77 4.40 -0.56
N GLY B 112 -27.87 4.30 -1.53
CA GLY B 112 -26.54 4.87 -1.34
C GLY B 112 -26.35 6.27 -1.90
N LEU B 113 -27.43 6.88 -2.35
CA LEU B 113 -27.36 8.22 -2.93
C LEU B 113 -28.01 9.30 -2.08
N LEU B 114 -27.29 10.39 -1.89
CA LEU B 114 -27.80 11.52 -1.12
C LEU B 114 -27.98 12.65 -2.13
N LYS B 115 -29.25 12.95 -2.43
CA LYS B 115 -29.55 13.99 -3.41
C LYS B 115 -29.69 15.40 -2.83
N ARG B 116 -28.66 16.22 -3.06
CA ARG B 116 -28.64 17.58 -2.57
C ARG B 116 -28.13 18.51 -3.67
N LYS B 117 -28.64 18.32 -4.88
CA LYS B 117 -28.23 19.13 -6.02
C LYS B 117 -28.43 20.61 -5.73
N VAL B 118 -27.34 21.37 -5.72
CA VAL B 118 -27.41 22.81 -5.45
C VAL B 118 -27.82 23.55 -6.73
N ARG B 119 -27.29 23.09 -7.85
CA ARG B 119 -27.59 23.67 -9.15
C ARG B 119 -27.09 22.73 -10.23
N PRO B 120 -27.67 22.79 -11.44
CA PRO B 120 -27.26 21.92 -12.55
C PRO B 120 -25.88 22.27 -13.06
N GLY B 121 -24.86 21.92 -12.27
CA GLY B 121 -23.49 22.22 -12.66
C GLY B 121 -23.16 23.66 -12.32
N THR B 122 -21.86 23.98 -12.27
CA THR B 122 -21.44 25.34 -11.96
C THR B 122 -21.38 26.16 -13.24
N ALA B 123 -21.19 27.47 -13.09
CA ALA B 123 -21.06 28.33 -14.25
C ALA B 123 -19.62 28.14 -14.73
N ASN B 124 -19.31 28.62 -15.93
CA ASN B 124 -17.96 28.49 -16.47
C ASN B 124 -17.01 29.35 -15.62
N LEU B 125 -16.18 28.70 -14.81
CA LEU B 125 -15.25 29.40 -13.93
C LEU B 125 -14.24 30.29 -14.66
N ALA B 126 -14.11 30.11 -15.97
CA ALA B 126 -13.18 30.91 -16.75
C ALA B 126 -13.80 32.25 -17.15
N GLN B 127 -15.13 32.30 -17.15
CA GLN B 127 -15.85 33.52 -17.55
C GLN B 127 -16.49 34.26 -16.39
N GLY B 128 -16.51 33.65 -15.21
CA GLY B 128 -17.11 34.29 -14.07
C GLY B 128 -17.16 33.37 -12.86
N PRO B 129 -17.75 33.81 -11.74
CA PRO B 129 -17.84 32.99 -10.54
C PRO B 129 -18.59 31.66 -10.78
N ALA B 130 -17.94 30.56 -10.41
CA ALA B 130 -18.49 29.23 -10.60
C ALA B 130 -19.84 29.06 -9.91
N MET B 131 -20.01 29.75 -8.78
CA MET B 131 -21.24 29.66 -8.01
C MET B 131 -21.33 30.88 -7.09
N THR B 132 -22.46 31.04 -6.44
CA THR B 132 -22.66 32.16 -5.52
C THR B 132 -22.29 31.71 -4.11
N PRO B 133 -21.82 32.65 -3.27
CA PRO B 133 -21.44 32.31 -1.90
C PRO B 133 -22.51 31.48 -1.19
N GLU B 134 -23.78 31.77 -1.49
CA GLU B 134 -24.88 31.04 -0.88
C GLU B 134 -24.90 29.58 -1.36
N GLU B 135 -24.62 29.38 -2.65
CA GLU B 135 -24.60 28.04 -3.21
C GLU B 135 -23.41 27.28 -2.64
N ALA B 136 -22.29 27.99 -2.48
CA ALA B 136 -21.09 27.37 -1.94
C ALA B 136 -21.41 26.87 -0.53
N GLU B 137 -22.08 27.69 0.25
CA GLU B 137 -22.44 27.33 1.61
C GLU B 137 -23.38 26.12 1.63
N ARG B 138 -24.26 26.02 0.64
CA ARG B 138 -25.18 24.89 0.57
C ARG B 138 -24.45 23.60 0.24
N ALA B 139 -23.43 23.71 -0.61
CA ALA B 139 -22.63 22.54 -0.99
C ALA B 139 -21.85 22.06 0.24
N LEU B 140 -21.32 23.02 1.00
CA LEU B 140 -20.55 22.71 2.21
C LEU B 140 -21.42 21.92 3.20
N LEU B 141 -22.62 22.42 3.46
CA LEU B 141 -23.54 21.75 4.38
C LEU B 141 -23.92 20.37 3.87
N ALA B 142 -24.06 20.24 2.55
CA ALA B 142 -24.41 18.97 1.94
C ALA B 142 -23.31 17.94 2.22
N GLY B 143 -22.05 18.37 2.06
CA GLY B 143 -20.92 17.49 2.32
C GLY B 143 -20.92 17.06 3.78
N ARG B 144 -21.20 18.00 4.67
CA ARG B 144 -21.24 17.70 6.10
C ARG B 144 -22.36 16.71 6.41
N GLU B 145 -23.47 16.86 5.72
CA GLU B 145 -24.62 15.98 5.91
C GLU B 145 -24.27 14.55 5.52
N ALA B 146 -23.64 14.41 4.35
CA ALA B 146 -23.24 13.10 3.85
C ALA B 146 -22.27 12.44 4.85
N ALA B 147 -21.25 13.19 5.23
CA ALA B 147 -20.27 12.66 6.17
C ALA B 147 -20.94 12.22 7.47
N ARG B 148 -21.83 13.07 7.99
CA ARG B 148 -22.53 12.73 9.23
C ARG B 148 -23.28 11.40 9.12
N ARG B 149 -23.83 11.11 7.95
CA ARG B 149 -24.57 9.86 7.77
C ARG B 149 -23.58 8.71 7.82
N ALA B 150 -22.42 8.89 7.18
CA ALA B 150 -21.39 7.86 7.17
C ALA B 150 -20.92 7.57 8.59
N ILE B 151 -20.65 8.64 9.33
CA ILE B 151 -20.17 8.52 10.70
C ILE B 151 -21.23 7.85 11.57
N ALA B 152 -22.48 8.29 11.44
CA ALA B 152 -23.58 7.73 12.22
C ALA B 152 -23.71 6.23 11.99
N GLU B 153 -23.36 5.78 10.79
CA GLU B 153 -23.45 4.36 10.47
C GLU B 153 -22.22 3.56 10.86
N GLY B 154 -21.33 4.16 11.66
CA GLY B 154 -20.16 3.43 12.13
C GLY B 154 -18.79 3.67 11.53
N ALA B 155 -18.66 4.63 10.63
CA ALA B 155 -17.35 4.90 10.02
C ALA B 155 -16.30 5.20 11.08
N THR B 156 -15.16 4.52 11.00
CA THR B 156 -14.08 4.75 11.96
C THR B 156 -12.92 5.47 11.27
N LEU B 157 -13.01 5.53 9.95
CA LEU B 157 -12.01 6.19 9.11
C LEU B 157 -12.83 6.82 7.98
N LEU B 158 -12.53 8.06 7.61
CA LEU B 158 -13.29 8.74 6.57
C LEU B 158 -12.46 9.31 5.43
N ALA B 159 -12.88 8.99 4.20
CA ALA B 159 -12.21 9.49 3.02
C ALA B 159 -13.25 10.15 2.15
N ALA B 160 -12.79 11.05 1.27
CA ALA B 160 -13.69 11.72 0.35
C ALA B 160 -13.30 11.31 -1.06
N GLY B 161 -14.28 11.35 -1.96
CA GLY B 161 -14.03 10.99 -3.35
C GLY B 161 -14.66 12.06 -4.22
N ASP B 162 -14.20 12.16 -5.46
CA ASP B 162 -14.71 13.16 -6.39
C ASP B 162 -15.15 12.55 -7.71
N MET B 163 -16.15 13.19 -8.34
CA MET B 163 -16.63 12.76 -9.65
C MET B 163 -17.20 13.99 -10.34
N GLY B 164 -16.55 14.39 -11.42
CA GLY B 164 -17.01 15.56 -12.16
C GLY B 164 -16.10 15.86 -13.31
N ILE B 165 -16.62 15.73 -14.53
CA ILE B 165 -15.84 16.00 -15.72
C ILE B 165 -15.38 17.46 -15.69
N GLY B 166 -14.08 17.66 -15.80
CA GLY B 166 -13.52 19.00 -15.78
C GLY B 166 -13.19 19.54 -14.40
N ASN B 167 -13.28 18.70 -13.37
CA ASN B 167 -13.01 19.17 -12.02
C ASN B 167 -11.52 19.31 -11.72
N THR B 168 -10.66 18.84 -12.62
CA THR B 168 -9.22 18.98 -12.42
C THR B 168 -8.84 20.43 -12.68
N THR B 169 -9.63 21.10 -13.52
CA THR B 169 -9.40 22.50 -13.83
C THR B 169 -9.80 23.33 -12.62
N ALA B 170 -10.98 23.02 -12.07
CA ALA B 170 -11.49 23.71 -10.90
C ALA B 170 -10.59 23.43 -9.71
N ALA B 171 -10.05 22.21 -9.66
CA ALA B 171 -9.17 21.82 -8.56
C ALA B 171 -7.87 22.63 -8.66
N ALA B 172 -7.39 22.80 -9.88
CA ALA B 172 -6.17 23.54 -10.13
C ALA B 172 -6.33 25.00 -9.72
N ALA B 173 -7.50 25.58 -10.03
CA ALA B 173 -7.77 26.97 -9.71
C ALA B 173 -7.85 27.18 -8.20
N LEU B 174 -8.60 26.33 -7.52
CA LEU B 174 -8.75 26.45 -6.08
C LEU B 174 -7.40 26.27 -5.38
N THR B 175 -6.61 25.32 -5.86
CA THR B 175 -5.29 25.04 -5.30
C THR B 175 -4.34 26.22 -5.48
N ALA B 176 -4.19 26.66 -6.73
CA ALA B 176 -3.32 27.78 -7.05
C ALA B 176 -3.68 29.00 -6.21
N ALA B 177 -4.98 29.19 -5.98
CA ALA B 177 -5.47 30.32 -5.22
C ALA B 177 -5.16 30.21 -3.72
N LEU B 178 -5.49 29.08 -3.12
CA LEU B 178 -5.26 28.88 -1.70
C LEU B 178 -3.78 28.77 -1.35
N LEU B 179 -2.96 28.30 -2.29
CA LEU B 179 -1.54 28.14 -2.03
C LEU B 179 -0.69 29.20 -2.72
N GLY B 180 -1.34 30.22 -3.28
CA GLY B 180 -0.64 31.28 -3.97
C GLY B 180 0.33 30.75 -5.02
N LEU B 181 -0.16 29.90 -5.90
CA LEU B 181 0.67 29.30 -6.95
C LEU B 181 0.20 29.67 -8.36
N PRO B 182 1.12 29.61 -9.34
CA PRO B 182 0.80 29.93 -10.74
C PRO B 182 0.16 28.74 -11.45
N PRO B 183 -0.61 28.99 -12.52
CA PRO B 183 -1.27 27.94 -13.29
C PRO B 183 -0.37 26.77 -13.66
N GLU B 184 0.81 27.09 -14.18
CA GLU B 184 1.78 26.08 -14.60
C GLU B 184 2.19 25.12 -13.49
N ALA B 185 1.95 25.52 -12.24
CA ALA B 185 2.31 24.68 -11.10
C ALA B 185 1.23 23.67 -10.75
N VAL B 186 -0.02 23.98 -11.09
CA VAL B 186 -1.14 23.10 -10.78
C VAL B 186 -1.77 22.44 -12.00
N VAL B 187 -1.21 22.72 -13.18
CA VAL B 187 -1.74 22.14 -14.40
C VAL B 187 -0.63 21.47 -15.21
N GLY B 188 -0.66 20.14 -15.24
CA GLY B 188 0.35 19.39 -15.97
C GLY B 188 -0.29 18.48 -17.00
N GLY B 194 -4.14 17.25 -24.78
CA GLY B 194 -2.69 17.36 -24.74
C GLY B 194 -2.22 18.80 -24.73
N GLU B 195 -1.40 19.16 -25.71
CA GLU B 195 -0.85 20.49 -25.81
C GLU B 195 -1.89 21.59 -25.84
N GLU B 196 -2.88 21.48 -26.72
CA GLU B 196 -3.91 22.51 -26.78
C GLU B 196 -4.87 22.40 -25.58
N GLY B 197 -5.13 21.20 -25.07
CA GLY B 197 -6.05 21.07 -23.95
C GLY B 197 -5.38 21.66 -22.76
N LEU B 198 -4.06 21.44 -22.67
CA LEU B 198 -3.27 21.97 -21.57
C LEU B 198 -3.34 23.49 -21.63
N ARG B 199 -3.32 24.00 -22.85
CA ARG B 199 -3.39 25.44 -23.07
C ARG B 199 -4.70 25.97 -22.50
N ARG B 200 -5.80 25.32 -22.85
CA ARG B 200 -7.12 25.73 -22.37
C ARG B 200 -7.25 25.66 -20.86
N LYS B 201 -6.70 24.61 -20.25
CA LYS B 201 -6.79 24.45 -18.80
C LYS B 201 -6.06 25.58 -18.07
N ARG B 202 -4.82 25.82 -18.45
CA ARG B 202 -4.03 26.87 -17.81
C ARG B 202 -4.66 28.24 -18.01
N GLN B 203 -5.07 28.54 -19.23
CA GLN B 203 -5.69 29.83 -19.51
C GLN B 203 -6.97 29.94 -18.68
N ALA B 204 -7.67 28.83 -18.54
CA ALA B 204 -8.90 28.80 -17.75
C ALA B 204 -8.60 29.17 -16.31
N VAL B 205 -7.55 28.55 -15.77
CA VAL B 205 -7.14 28.81 -14.39
C VAL B 205 -6.70 30.27 -14.22
N ALA B 206 -5.87 30.75 -15.14
CA ALA B 206 -5.37 32.13 -15.08
C ALA B 206 -6.52 33.14 -15.06
N ARG B 207 -7.49 32.97 -15.96
CA ARG B 207 -8.63 33.87 -16.02
C ARG B 207 -9.37 33.86 -14.70
N ALA B 208 -9.54 32.68 -14.11
CA ALA B 208 -10.23 32.54 -12.85
C ALA B 208 -9.48 33.26 -11.74
N LEU B 209 -8.17 33.08 -11.70
CA LEU B 209 -7.34 33.71 -10.68
C LEU B 209 -7.38 35.24 -10.81
N ALA B 210 -7.44 35.72 -12.05
CA ALA B 210 -7.47 37.15 -12.32
C ALA B 210 -8.65 37.85 -11.64
N ARG B 211 -9.67 37.10 -11.29
CA ARG B 211 -10.84 37.68 -10.63
C ARG B 211 -10.67 37.80 -9.13
N LEU B 212 -9.63 37.14 -8.59
CA LEU B 212 -9.40 37.18 -7.16
C LEU B 212 -8.59 38.39 -6.74
N HIS B 213 -8.53 38.61 -5.43
CA HIS B 213 -7.78 39.71 -4.86
C HIS B 213 -7.47 39.38 -3.40
N PRO B 214 -6.32 39.84 -2.90
CA PRO B 214 -5.92 39.60 -1.50
C PRO B 214 -7.01 39.91 -0.49
N GLY B 215 -7.00 39.18 0.62
CA GLY B 215 -7.98 39.41 1.67
C GLY B 215 -9.29 38.66 1.56
N MET B 216 -9.41 37.75 0.60
CA MET B 216 -10.63 36.98 0.42
C MET B 216 -10.66 35.74 1.30
N GLY B 217 -11.84 35.43 1.82
CA GLY B 217 -11.99 34.26 2.66
C GLY B 217 -11.88 33.00 1.81
N PRO B 218 -11.57 31.84 2.41
CA PRO B 218 -11.44 30.58 1.66
C PRO B 218 -12.69 30.16 0.89
N LEU B 219 -13.85 30.19 1.54
CA LEU B 219 -15.09 29.80 0.88
C LEU B 219 -15.42 30.78 -0.26
N GLU B 220 -15.08 32.05 -0.07
CA GLU B 220 -15.32 33.07 -1.09
C GLU B 220 -14.50 32.75 -2.32
N VAL B 221 -13.27 32.32 -2.11
CA VAL B 221 -12.38 31.95 -3.21
C VAL B 221 -12.91 30.70 -3.91
N ALA B 222 -13.32 29.72 -3.12
CA ALA B 222 -13.84 28.47 -3.65
C ALA B 222 -15.08 28.71 -4.51
N ALA B 223 -15.97 29.59 -4.07
CA ALA B 223 -17.19 29.89 -4.81
C ALA B 223 -16.87 30.52 -6.16
N GLU B 224 -15.80 31.31 -6.20
CA GLU B 224 -15.38 31.98 -7.41
C GLU B 224 -14.73 31.08 -8.45
N VAL B 225 -13.75 30.29 -8.03
CA VAL B 225 -13.02 29.43 -8.96
C VAL B 225 -13.09 27.93 -8.75
N GLY B 226 -13.81 27.48 -7.71
CA GLY B 226 -13.89 26.07 -7.45
C GLY B 226 -15.01 25.29 -8.12
N GLY B 227 -15.39 24.19 -7.47
CA GLY B 227 -16.46 23.35 -7.98
C GLY B 227 -17.34 22.98 -6.82
N LEU B 228 -18.61 22.67 -7.11
CA LEU B 228 -19.55 22.32 -6.06
C LEU B 228 -19.12 21.08 -5.28
N GLU B 229 -18.62 20.06 -5.98
CA GLU B 229 -18.21 18.85 -5.27
C GLU B 229 -16.94 19.11 -4.45
N LEU B 230 -16.11 20.03 -4.91
CA LEU B 230 -14.88 20.36 -4.17
C LEU B 230 -15.22 21.00 -2.84
N VAL B 231 -16.25 21.85 -2.82
CA VAL B 231 -16.67 22.50 -1.59
C VAL B 231 -17.34 21.50 -0.68
N ALA B 232 -18.10 20.58 -1.27
CA ALA B 232 -18.78 19.55 -0.50
C ALA B 232 -17.73 18.66 0.19
N ILE B 233 -16.64 18.40 -0.50
CA ILE B 233 -15.56 17.57 0.04
C ILE B 233 -14.96 18.27 1.26
N ALA B 234 -14.87 19.60 1.21
CA ALA B 234 -14.36 20.35 2.35
C ALA B 234 -15.28 20.08 3.51
N GLY B 235 -16.59 20.08 3.24
CA GLY B 235 -17.58 19.82 4.27
C GLY B 235 -17.45 18.40 4.84
N ILE B 236 -17.24 17.44 3.96
CA ILE B 236 -17.08 16.05 4.40
C ILE B 236 -15.96 15.94 5.42
N TYR B 237 -14.82 16.56 5.12
CA TYR B 237 -13.66 16.52 6.00
C TYR B 237 -13.87 17.31 7.31
N LEU B 238 -14.52 18.46 7.21
CA LEU B 238 -14.77 19.27 8.41
C LEU B 238 -15.62 18.47 9.39
N GLU B 239 -16.66 17.81 8.88
CA GLU B 239 -17.55 17.00 9.71
C GLU B 239 -16.76 15.86 10.35
N GLY B 240 -15.94 15.18 9.54
CA GLY B 240 -15.14 14.08 10.06
C GLY B 240 -14.17 14.57 11.11
N TYR B 241 -13.53 15.70 10.84
CA TYR B 241 -12.59 16.31 11.77
C TYR B 241 -13.27 16.59 13.10
N GLU B 242 -14.43 17.24 13.04
CA GLU B 242 -15.17 17.57 14.24
C GLU B 242 -15.65 16.32 14.97
N ALA B 243 -15.80 15.22 14.23
CA ALA B 243 -16.22 13.96 14.82
C ALA B 243 -15.02 13.31 15.49
N GLY B 244 -13.82 13.79 15.15
CA GLY B 244 -12.60 13.25 15.71
C GLY B 244 -12.10 12.01 15.01
N LEU B 245 -12.46 11.86 13.75
CA LEU B 245 -12.06 10.68 12.98
C LEU B 245 -10.78 10.89 12.15
N PRO B 246 -10.07 9.81 11.82
CA PRO B 246 -8.85 9.96 11.02
C PRO B 246 -9.36 10.20 9.61
N LEU B 247 -8.74 11.11 8.88
CA LEU B 247 -9.21 11.41 7.53
C LEU B 247 -8.19 11.03 6.48
N VAL B 248 -8.66 10.41 5.40
CA VAL B 248 -7.75 9.99 4.34
C VAL B 248 -7.96 10.79 3.05
N LEU B 249 -6.85 11.29 2.50
CA LEU B 249 -6.89 12.06 1.27
C LEU B 249 -6.77 11.16 0.06
N ASP B 250 -7.42 11.56 -1.03
CA ASP B 250 -7.34 10.81 -2.27
C ASP B 250 -6.43 11.59 -3.22
N GLY B 251 -6.92 11.84 -4.43
CA GLY B 251 -6.14 12.55 -5.42
C GLY B 251 -6.20 14.08 -5.40
N PHE B 252 -5.81 14.67 -6.53
CA PHE B 252 -5.75 16.12 -6.70
C PHE B 252 -7.05 16.89 -6.36
N PRO B 253 -8.17 16.55 -7.02
CA PRO B 253 -9.43 17.26 -6.73
C PRO B 253 -9.87 17.11 -5.26
N VAL B 254 -9.76 15.90 -4.73
CA VAL B 254 -10.15 15.66 -3.34
C VAL B 254 -9.26 16.45 -2.40
N THR B 255 -7.96 16.45 -2.66
CA THR B 255 -7.02 17.17 -1.82
C THR B 255 -7.25 18.69 -1.89
N ALA B 256 -7.72 19.16 -3.03
CA ALA B 256 -8.01 20.60 -3.18
C ALA B 256 -9.12 20.92 -2.20
N GLY B 257 -10.10 20.03 -2.10
CA GLY B 257 -11.21 20.22 -1.19
C GLY B 257 -10.71 20.19 0.25
N ALA B 258 -9.69 19.37 0.50
CA ALA B 258 -9.12 19.27 1.85
C ALA B 258 -8.38 20.56 2.20
N LEU B 259 -7.73 21.16 1.21
CA LEU B 259 -7.00 22.41 1.44
C LEU B 259 -7.99 23.50 1.86
N LEU B 260 -9.17 23.50 1.25
CA LEU B 260 -10.20 24.47 1.59
C LEU B 260 -10.62 24.29 3.05
N ALA B 261 -10.87 23.04 3.43
CA ALA B 261 -11.26 22.73 4.80
C ALA B 261 -10.16 23.15 5.76
N TRP B 262 -8.91 22.91 5.35
CA TRP B 262 -7.75 23.24 6.15
C TRP B 262 -7.67 24.74 6.40
N LYS B 263 -7.83 25.53 5.33
CA LYS B 263 -7.78 26.98 5.44
C LYS B 263 -8.90 27.49 6.34
N MET B 264 -9.95 26.68 6.48
CA MET B 264 -11.07 27.04 7.32
C MET B 264 -10.85 26.57 8.75
N ALA B 265 -10.05 25.53 8.91
CA ALA B 265 -9.75 24.96 10.22
C ALA B 265 -8.34 24.37 10.18
N PRO B 266 -7.32 25.16 10.57
CA PRO B 266 -5.92 24.75 10.58
C PRO B 266 -5.64 23.42 11.28
N GLY B 267 -6.27 23.20 12.42
CA GLY B 267 -6.07 21.98 13.18
C GLY B 267 -6.48 20.70 12.45
N LEU B 268 -7.29 20.85 11.42
CA LEU B 268 -7.77 19.70 10.65
C LEU B 268 -6.61 18.90 10.06
N ARG B 269 -5.53 19.58 9.74
CA ARG B 269 -4.36 18.93 9.17
C ARG B 269 -3.81 17.83 10.06
N ASP B 270 -4.10 17.89 11.35
CA ASP B 270 -3.62 16.88 12.30
C ASP B 270 -4.36 15.56 12.13
N HIS B 271 -5.49 15.60 11.43
CA HIS B 271 -6.27 14.39 11.21
C HIS B 271 -6.13 13.85 9.80
N LEU B 272 -5.36 14.53 8.96
CA LEU B 272 -5.16 14.12 7.58
C LEU B 272 -4.04 13.11 7.34
N PHE B 273 -4.33 12.14 6.49
CA PHE B 273 -3.40 11.10 6.09
C PHE B 273 -3.49 11.03 4.58
N ALA B 274 -2.35 11.17 3.91
CA ALA B 274 -2.33 11.12 2.45
C ALA B 274 -2.32 9.67 1.98
N GLY B 275 -3.43 9.25 1.37
CA GLY B 275 -3.53 7.89 0.88
C GLY B 275 -2.52 7.54 -0.19
N HIS B 276 -2.36 8.43 -1.17
CA HIS B 276 -1.41 8.15 -2.23
C HIS B 276 -0.92 9.42 -2.93
N LEU B 277 0.00 9.22 -3.86
CA LEU B 277 0.54 10.32 -4.66
C LEU B 277 0.00 10.12 -6.06
N SER B 278 -0.94 10.99 -6.45
CA SER B 278 -1.53 10.91 -7.77
C SER B 278 -0.53 11.34 -8.84
N ARG B 279 -0.76 10.90 -10.07
CA ARG B 279 0.11 11.23 -11.19
C ARG B 279 -0.04 12.71 -11.52
N GLU B 280 -1.12 13.31 -11.02
CA GLU B 280 -1.43 14.73 -11.23
C GLU B 280 -0.31 15.57 -10.60
N PRO B 281 0.50 16.25 -11.42
CA PRO B 281 1.62 17.10 -10.99
C PRO B 281 1.36 17.99 -9.78
N GLY B 282 0.24 18.69 -9.79
CA GLY B 282 -0.07 19.57 -8.67
C GLY B 282 -0.33 18.88 -7.35
N HIS B 283 -0.52 17.57 -7.37
CA HIS B 283 -0.79 16.84 -6.14
C HIS B 283 0.41 16.94 -5.18
N ARG B 284 1.62 16.88 -5.73
CA ARG B 284 2.82 16.97 -4.90
C ARG B 284 2.83 18.24 -4.04
N HIS B 285 2.55 19.37 -4.68
CA HIS B 285 2.54 20.65 -3.99
C HIS B 285 1.50 20.71 -2.88
N GLN B 286 0.35 20.08 -3.11
CA GLN B 286 -0.70 20.07 -2.11
C GLN B 286 -0.23 19.33 -0.87
N LEU B 287 0.36 18.16 -1.07
CA LEU B 287 0.84 17.34 0.03
C LEU B 287 1.95 18.01 0.83
N GLU B 288 2.87 18.66 0.13
CA GLU B 288 3.96 19.36 0.81
C GLU B 288 3.44 20.52 1.64
N ALA B 289 2.42 21.21 1.13
CA ALA B 289 1.84 22.34 1.86
C ALA B 289 1.25 21.79 3.15
N LEU B 290 0.64 20.61 3.05
CA LEU B 290 0.03 19.97 4.20
C LEU B 290 1.07 19.25 5.05
N GLY B 291 2.28 19.13 4.51
CA GLY B 291 3.35 18.45 5.24
C GLY B 291 3.04 16.98 5.44
N LEU B 292 2.44 16.35 4.42
CA LEU B 292 2.08 14.94 4.50
C LEU B 292 2.84 14.09 3.50
N ARG B 293 3.17 12.87 3.91
CA ARG B 293 3.88 11.93 3.04
C ARG B 293 2.86 10.88 2.56
N PRO B 294 2.76 10.69 1.24
CA PRO B 294 1.81 9.71 0.68
C PRO B 294 2.17 8.28 1.09
N LEU B 295 1.16 7.51 1.47
CA LEU B 295 1.37 6.13 1.89
C LEU B 295 1.64 5.25 0.67
N LEU B 296 0.97 5.54 -0.42
CA LEU B 296 1.12 4.77 -1.65
C LEU B 296 1.58 5.64 -2.80
N ASP B 297 2.24 5.01 -3.77
CA ASP B 297 2.70 5.69 -4.97
C ASP B 297 2.59 4.65 -6.07
N LEU B 298 1.39 4.53 -6.64
CA LEU B 298 1.12 3.54 -7.67
C LEU B 298 0.82 4.14 -9.04
N ASP B 299 1.15 5.42 -9.20
CA ASP B 299 0.91 6.10 -10.46
C ASP B 299 -0.58 6.12 -10.82
N LEU B 300 -1.42 6.28 -9.80
CA LEU B 300 -2.87 6.33 -10.01
C LEU B 300 -3.28 7.72 -10.44
N ALA B 301 -4.32 7.81 -11.26
CA ALA B 301 -4.82 9.09 -11.74
C ALA B 301 -6.30 8.95 -12.09
N LEU B 302 -7.09 8.44 -11.14
CA LEU B 302 -8.51 8.25 -11.39
C LEU B 302 -9.45 9.08 -10.52
N GLY B 303 -9.13 9.21 -9.24
CA GLY B 303 -10.00 9.96 -8.34
C GLY B 303 -11.06 9.03 -7.77
N GLU B 304 -12.27 9.55 -7.56
CA GLU B 304 -13.38 8.76 -6.99
C GLU B 304 -13.11 8.36 -5.55
N GLY B 305 -11.91 8.66 -5.06
CA GLY B 305 -11.56 8.30 -3.69
C GLY B 305 -10.82 6.97 -3.67
N THR B 306 -10.48 6.46 -4.85
CA THR B 306 -9.80 5.17 -4.97
C THR B 306 -8.47 5.06 -4.22
N GLY B 307 -7.62 6.07 -4.34
CA GLY B 307 -6.33 6.02 -3.66
C GLY B 307 -6.46 6.07 -2.15
N ALA B 308 -7.49 6.77 -1.69
CA ALA B 308 -7.74 6.89 -0.26
C ALA B 308 -8.20 5.55 0.30
N VAL B 309 -9.12 4.91 -0.42
CA VAL B 309 -9.65 3.62 0.01
C VAL B 309 -8.58 2.54 -0.02
N LEU B 310 -7.71 2.59 -1.04
CA LEU B 310 -6.63 1.62 -1.16
C LEU B 310 -5.68 1.69 0.03
N ALA B 311 -5.58 2.86 0.64
CA ALA B 311 -4.67 3.06 1.77
C ALA B 311 -5.24 2.67 3.12
N MET B 312 -6.55 2.46 3.20
CA MET B 312 -7.17 2.12 4.48
C MET B 312 -6.58 0.90 5.17
N PRO B 313 -6.31 -0.19 4.42
CA PRO B 313 -5.74 -1.37 5.06
C PRO B 313 -4.37 -1.05 5.70
N LEU B 314 -3.60 -0.19 5.06
CA LEU B 314 -2.29 0.21 5.59
C LEU B 314 -2.45 0.99 6.89
N LEU B 315 -3.46 1.84 6.95
CA LEU B 315 -3.72 2.63 8.14
C LEU B 315 -4.13 1.70 9.28
N ARG B 316 -4.91 0.67 8.96
CA ARG B 316 -5.34 -0.27 9.98
C ARG B 316 -4.11 -1.03 10.50
N ALA B 317 -3.23 -1.41 9.59
CA ALA B 317 -2.02 -2.14 9.97
C ALA B 317 -1.14 -1.24 10.85
N ALA B 318 -1.02 0.03 10.48
CA ALA B 318 -0.20 0.97 11.24
C ALA B 318 -0.68 1.07 12.68
N ALA B 319 -1.99 1.19 12.87
CA ALA B 319 -2.55 1.29 14.22
C ALA B 319 -2.23 0.04 15.04
N ARG B 320 -2.25 -1.12 14.40
CA ARG B 320 -1.97 -2.37 15.10
C ARG B 320 -0.51 -2.51 15.56
N ILE B 321 0.38 -1.67 15.02
CA ILE B 321 1.79 -1.73 15.41
C ILE B 321 1.93 -1.59 16.93
N LEU B 322 1.20 -0.64 17.52
CA LEU B 322 1.29 -0.42 18.95
C LEU B 322 0.68 -1.56 19.77
N HIS B 323 0.08 -2.53 19.09
CA HIS B 323 -0.51 -3.70 19.76
C HIS B 323 0.56 -4.79 19.88
N MET B 324 1.72 -4.55 19.27
CA MET B 324 2.83 -5.50 19.34
C MET B 324 3.29 -5.58 20.79
N ALA B 325 4.05 -6.61 21.11
CA ALA B 325 4.56 -6.77 22.47
C ALA B 325 5.85 -5.98 22.59
N THR B 326 6.16 -5.56 23.82
CA THR B 326 7.40 -4.84 24.07
C THR B 326 8.43 -5.90 24.41
N PHE B 327 9.70 -5.53 24.41
CA PHE B 327 10.76 -6.47 24.74
C PHE B 327 10.49 -7.10 26.10
N GLN B 328 10.07 -6.28 27.05
CA GLN B 328 9.80 -6.77 28.39
C GLN B 328 8.61 -7.72 28.43
N GLU B 329 7.53 -7.36 27.75
CA GLU B 329 6.33 -8.19 27.73
C GLU B 329 6.57 -9.55 27.06
N ALA B 330 7.33 -9.55 25.97
CA ALA B 330 7.59 -10.78 25.23
C ALA B 330 8.80 -11.57 25.71
N GLY B 331 9.66 -10.94 26.51
CA GLY B 331 10.84 -11.64 26.98
C GLY B 331 11.89 -11.73 25.87
N VAL B 332 11.96 -10.69 25.06
CA VAL B 332 12.93 -10.65 23.97
C VAL B 332 14.12 -9.80 24.38
N SER B 333 15.33 -10.31 24.13
CA SER B 333 16.54 -9.57 24.48
C SER B 333 16.75 -8.38 23.55
N ARG B 334 17.27 -7.28 24.09
CA ARG B 334 17.54 -6.08 23.30
C ARG B 334 19.01 -6.05 22.88
N GLY B 335 19.36 -5.15 21.98
CA GLY B 335 20.73 -5.05 21.52
C GLY B 335 21.71 -5.06 22.69
NA NA C . 37.16 -23.30 8.82
#